data_1C3U
#
_entry.id   1C3U
#
_cell.length_a   120.498
_cell.length_b   126.213
_cell.length_c   169.048
_cell.angle_alpha   90.00
_cell.angle_beta   90.00
_cell.angle_gamma   90.00
#
_symmetry.space_group_name_H-M   'C 2 2 21'
#
loop_
_entity.id
_entity.type
_entity.pdbx_description
1 polymer 'ADENYLOSUCCINATE LYASE'
2 non-polymer 'SULFATE ION'
3 water water
#
_entity_poly.entity_id   1
_entity_poly.type   'polypeptide(L)'
_entity_poly.pdbx_seq_one_letter_code
;MVERYSLSPMKDLWTEEAKYRRWLEVELAVTRAYEELGMIPKGVTERIRNNAKIDVELFKKIEEKTNHDVVAFVEGIGSM
IGEDSRFFHYGLTSSDVLDTANSLALVEAGKILLESLKEFCDVLWEVANRYKHTPTIGRTHGVHAEPTSFGLKVLGWYSE
MKRNVQRLERAIEEVSYGKISGAVGNYANVPPEVEEKALSYLGLKPEPVSTQVVPRDRHAFYLSTLAIVAAGIERIAVEI
RHLQRTEVLEVEEPFRKGQRGSSAMPHKKNPITCERLTGLSRMMRAYVDPSLENIALWHERDISHSSVERYVFPDATQTL
YYMIVTATNVVRNMKVNEERMKKNIDLTKGLVFSQRVLLKLIEKGLTRKEAYDIVQRNALKTWNSEKHFLEYLLEDEEVK
KLVTKEELEELFDISYYLKHVDHIFERFEKE
;
_entity_poly.pdbx_strand_id   A,B
#
# COMPACT_ATOMS: atom_id res chain seq x y z
N VAL A 2 -10.54 7.34 -15.70
CA VAL A 2 -9.78 6.45 -16.64
C VAL A 2 -9.30 7.10 -17.93
N GLU A 3 -10.19 7.75 -18.67
CA GLU A 3 -9.86 8.28 -20.01
C GLU A 3 -8.76 9.34 -19.94
N ARG A 4 -8.73 10.11 -18.87
CA ARG A 4 -7.56 10.81 -18.38
C ARG A 4 -6.22 10.23 -18.83
N TYR A 5 -5.91 8.94 -18.63
CA TYR A 5 -4.64 8.41 -19.10
C TYR A 5 -4.65 7.44 -20.26
N SER A 6 -5.70 7.41 -21.04
CA SER A 6 -5.57 6.50 -22.20
C SER A 6 -4.72 7.29 -23.17
N LEU A 7 -3.62 6.75 -23.64
CA LEU A 7 -2.74 7.38 -24.59
C LEU A 7 -2.57 6.41 -25.78
N SER A 8 -2.68 6.98 -26.98
CA SER A 8 -2.20 6.29 -28.17
C SER A 8 -0.81 5.78 -27.99
N PRO A 9 -0.45 4.68 -28.63
CA PRO A 9 -0.96 3.65 -29.24
C PRO A 9 -1.60 2.71 -28.28
N MET A 10 -1.46 2.76 -26.97
CA MET A 10 -2.04 1.74 -26.12
C MET A 10 -3.55 1.74 -26.17
N LYS A 11 -4.21 2.90 -26.18
CA LYS A 11 -5.67 2.90 -26.07
C LYS A 11 -6.34 2.41 -27.36
N ASP A 12 -5.72 2.57 -28.52
CA ASP A 12 -6.17 1.94 -29.77
C ASP A 12 -6.26 0.42 -29.68
N LEU A 13 -5.41 -0.24 -28.90
CA LEU A 13 -5.60 -1.65 -28.60
C LEU A 13 -6.92 -2.08 -28.01
N TRP A 14 -7.59 -1.28 -27.18
CA TRP A 14 -8.66 -1.74 -26.37
C TRP A 14 -9.99 -1.13 -26.83
N THR A 15 -10.17 -0.80 -28.10
CA THR A 15 -11.57 -0.47 -28.51
C THR A 15 -12.33 -1.72 -28.88
N GLU A 16 -13.65 -1.65 -29.00
CA GLU A 16 -14.43 -2.73 -29.58
C GLU A 16 -14.00 -3.13 -30.98
N GLU A 17 -13.78 -2.17 -31.87
CA GLU A 17 -13.23 -2.44 -33.18
C GLU A 17 -11.93 -3.25 -33.11
N ALA A 18 -10.96 -2.83 -32.29
CA ALA A 18 -9.69 -3.53 -32.24
C ALA A 18 -9.89 -4.99 -31.78
N LYS A 19 -10.83 -5.21 -30.88
CA LYS A 19 -11.18 -6.53 -30.42
C LYS A 19 -11.78 -7.44 -31.51
N TYR A 20 -12.77 -6.95 -32.24
CA TYR A 20 -13.35 -7.70 -33.34
C TYR A 20 -12.29 -7.91 -34.42
N ARG A 21 -11.42 -6.94 -34.68
CA ARG A 21 -10.34 -7.21 -35.64
C ARG A 21 -9.45 -8.36 -35.21
N ARG A 22 -9.08 -8.44 -33.94
CA ARG A 22 -8.33 -9.60 -33.44
C ARG A 22 -9.11 -10.89 -33.58
N TRP A 23 -10.43 -10.86 -33.30
CA TRP A 23 -11.22 -12.06 -33.54
C TRP A 23 -11.17 -12.56 -35.00
N LEU A 24 -11.25 -11.67 -35.97
CA LEU A 24 -11.20 -12.00 -37.37
C LEU A 24 -9.81 -12.53 -37.76
N GLU A 25 -8.79 -11.85 -37.26
CA GLU A 25 -7.41 -12.25 -37.42
C GLU A 25 -7.20 -13.71 -36.98
N VAL A 26 -7.74 -14.06 -35.82
CA VAL A 26 -7.73 -15.44 -35.37
C VAL A 26 -8.49 -16.35 -36.31
N GLU A 27 -9.70 -15.92 -36.67
CA GLU A 27 -10.51 -16.75 -37.58
C GLU A 27 -9.82 -16.96 -38.93
N LEU A 28 -9.18 -15.92 -39.47
CA LEU A 28 -8.48 -16.04 -40.74
C LEU A 28 -7.21 -16.88 -40.66
N ALA A 29 -6.53 -16.90 -39.51
CA ALA A 29 -5.35 -17.75 -39.36
C ALA A 29 -5.81 -19.21 -39.39
N VAL A 30 -6.96 -19.46 -38.79
CA VAL A 30 -7.50 -20.78 -38.69
C VAL A 30 -7.98 -21.24 -40.05
N THR A 31 -8.66 -20.40 -40.84
CA THR A 31 -9.05 -20.88 -42.17
C THR A 31 -7.78 -21.09 -43.00
N ARG A 32 -6.78 -20.19 -42.85
CA ARG A 32 -5.57 -20.34 -43.63
C ARG A 32 -4.88 -21.67 -43.35
N ALA A 33 -4.87 -22.11 -42.09
CA ALA A 33 -4.24 -23.33 -41.63
C ALA A 33 -4.96 -24.56 -42.21
N TYR A 34 -6.29 -24.57 -42.10
CA TYR A 34 -7.04 -25.63 -42.78
C TYR A 34 -6.82 -25.69 -44.30
N GLU A 35 -6.78 -24.54 -44.97
CA GLU A 35 -6.60 -24.49 -46.42
C GLU A 35 -5.21 -24.96 -46.84
N GLU A 36 -4.16 -24.57 -46.15
CA GLU A 36 -2.81 -24.99 -46.44
C GLU A 36 -2.60 -26.47 -46.16
N LEU A 37 -3.42 -27.07 -45.28
CA LEU A 37 -3.36 -28.50 -45.07
C LEU A 37 -4.28 -29.26 -46.03
N GLY A 38 -5.05 -28.61 -46.92
CA GLY A 38 -5.82 -29.32 -47.90
C GLY A 38 -7.19 -29.70 -47.36
N MET A 39 -7.61 -29.11 -46.24
CA MET A 39 -8.81 -29.56 -45.56
C MET A 39 -10.00 -28.75 -45.96
N ILE A 40 -9.83 -27.59 -46.60
CA ILE A 40 -10.92 -26.79 -47.13
C ILE A 40 -10.41 -26.33 -48.49
N PRO A 41 -11.28 -26.00 -49.43
CA PRO A 41 -10.87 -25.66 -50.79
C PRO A 41 -9.88 -24.51 -50.85
N LYS A 42 -9.00 -24.50 -51.82
CA LYS A 42 -8.11 -23.39 -52.12
C LYS A 42 -8.90 -22.11 -52.45
N GLY A 43 -8.50 -20.99 -51.85
CA GLY A 43 -9.17 -19.73 -52.13
C GLY A 43 -10.12 -19.27 -51.05
N VAL A 44 -10.60 -20.14 -50.15
CA VAL A 44 -11.51 -19.73 -49.10
C VAL A 44 -11.02 -18.52 -48.29
N THR A 45 -9.77 -18.55 -47.84
CA THR A 45 -9.24 -17.57 -46.91
C THR A 45 -9.18 -16.18 -47.53
N GLU A 46 -8.60 -16.07 -48.73
CA GLU A 46 -8.61 -14.78 -49.42
C GLU A 46 -10.02 -14.24 -49.60
N ARG A 47 -11.00 -15.05 -50.00
CA ARG A 47 -12.38 -14.59 -50.14
C ARG A 47 -12.97 -14.11 -48.84
N ILE A 48 -12.71 -14.84 -47.76
CA ILE A 48 -13.28 -14.40 -46.47
C ILE A 48 -12.59 -13.09 -46.05
N ARG A 49 -11.27 -13.03 -46.30
CA ARG A 49 -10.57 -11.79 -46.12
C ARG A 49 -11.16 -10.62 -46.89
N ASN A 50 -11.52 -10.73 -48.17
CA ASN A 50 -12.06 -9.63 -48.93
C ASN A 50 -13.47 -9.21 -48.49
N ASN A 51 -14.25 -10.12 -47.95
CA ASN A 51 -15.68 -9.93 -47.69
C ASN A 51 -15.98 -9.58 -46.24
N ALA A 52 -15.20 -10.06 -45.29
CA ALA A 52 -15.45 -9.98 -43.87
C ALA A 52 -15.10 -8.60 -43.32
N LYS A 53 -16.10 -7.84 -42.94
CA LYS A 53 -15.91 -6.46 -42.53
C LYS A 53 -16.25 -6.38 -41.03
N ILE A 54 -15.45 -5.53 -40.39
CA ILE A 54 -15.71 -5.22 -39.00
C ILE A 54 -16.86 -4.22 -38.91
N ASP A 55 -17.99 -4.71 -38.44
CA ASP A 55 -19.16 -3.82 -38.35
C ASP A 55 -19.69 -3.93 -36.94
N VAL A 56 -19.16 -3.03 -36.09
CA VAL A 56 -19.44 -3.08 -34.67
C VAL A 56 -20.93 -3.06 -34.37
N GLU A 57 -21.66 -2.10 -34.93
CA GLU A 57 -23.12 -2.04 -34.71
C GLU A 57 -23.85 -3.29 -35.18
N LEU A 58 -23.52 -3.86 -36.32
CA LEU A 58 -24.12 -5.17 -36.64
C LEU A 58 -23.88 -6.18 -35.53
N PHE A 59 -22.64 -6.41 -35.09
CA PHE A 59 -22.33 -7.45 -34.13
C PHE A 59 -23.10 -7.20 -32.83
N LYS A 60 -23.19 -5.95 -32.37
CA LYS A 60 -23.94 -5.58 -31.19
C LYS A 60 -25.44 -5.78 -31.36
N LYS A 61 -26.00 -5.45 -32.53
CA LYS A 61 -27.40 -5.77 -32.81
C LYS A 61 -27.66 -7.27 -32.77
N ILE A 62 -26.83 -8.07 -33.45
CA ILE A 62 -26.99 -9.52 -33.37
C ILE A 62 -26.83 -10.04 -31.94
N GLU A 63 -25.91 -9.47 -31.17
CA GLU A 63 -25.71 -9.86 -29.79
C GLU A 63 -26.91 -9.57 -28.89
N GLU A 64 -27.68 -8.52 -29.21
CA GLU A 64 -28.92 -8.25 -28.48
C GLU A 64 -29.79 -9.50 -28.53
N LYS A 65 -29.93 -10.11 -29.70
CA LYS A 65 -30.74 -11.32 -29.84
C LYS A 65 -30.00 -12.57 -29.40
N THR A 66 -28.68 -12.60 -29.55
CA THR A 66 -27.92 -13.85 -29.39
C THR A 66 -27.55 -14.03 -27.92
N ASN A 67 -27.37 -12.92 -27.21
CA ASN A 67 -26.81 -12.87 -25.89
C ASN A 67 -25.44 -13.51 -25.74
N HIS A 68 -24.61 -13.53 -26.77
CA HIS A 68 -23.32 -14.18 -26.76
C HIS A 68 -22.38 -13.45 -27.71
N ASP A 69 -21.32 -12.86 -27.17
CA ASP A 69 -20.48 -11.99 -27.98
C ASP A 69 -19.86 -12.72 -29.19
N VAL A 70 -19.31 -13.92 -29.06
CA VAL A 70 -18.58 -14.44 -30.21
C VAL A 70 -19.55 -15.10 -31.18
N VAL A 71 -20.64 -15.66 -30.65
CA VAL A 71 -21.67 -16.16 -31.57
C VAL A 71 -22.19 -15.07 -32.47
N ALA A 72 -22.52 -13.91 -31.96
CA ALA A 72 -23.01 -12.76 -32.71
C ALA A 72 -21.99 -12.35 -33.77
N PHE A 73 -20.72 -12.32 -33.38
CA PHE A 73 -19.65 -12.07 -34.34
C PHE A 73 -19.60 -13.12 -35.46
N VAL A 74 -19.63 -14.40 -35.10
CA VAL A 74 -19.59 -15.47 -36.09
C VAL A 74 -20.76 -15.37 -37.08
N GLU A 75 -21.96 -15.11 -36.58
CA GLU A 75 -23.09 -14.89 -37.46
C GLU A 75 -22.96 -13.62 -38.31
N GLY A 76 -22.48 -12.52 -37.75
CA GLY A 76 -22.40 -11.29 -38.52
C GLY A 76 -21.43 -11.49 -39.69
N ILE A 77 -20.27 -12.07 -39.40
CA ILE A 77 -19.31 -12.42 -40.42
C ILE A 77 -19.95 -13.38 -41.40
N GLY A 78 -20.69 -14.39 -40.91
CA GLY A 78 -21.47 -15.30 -41.69
C GLY A 78 -22.34 -14.61 -42.73
N SER A 79 -23.03 -13.54 -42.43
CA SER A 79 -23.88 -12.81 -43.36
C SER A 79 -23.10 -12.08 -44.43
N MET A 80 -21.78 -11.96 -44.32
CA MET A 80 -21.00 -11.32 -45.34
C MET A 80 -20.21 -12.29 -46.22
N ILE A 81 -20.16 -13.57 -45.88
CA ILE A 81 -19.08 -14.34 -46.51
C ILE A 81 -19.73 -15.50 -47.28
N GLY A 82 -21.06 -15.49 -47.30
CA GLY A 82 -21.80 -16.36 -48.20
C GLY A 82 -21.48 -17.83 -47.92
N GLU A 83 -21.15 -18.59 -48.97
CA GLU A 83 -20.94 -20.01 -48.89
C GLU A 83 -19.72 -20.48 -48.10
N ASP A 84 -18.70 -19.64 -48.08
CA ASP A 84 -17.54 -19.86 -47.24
C ASP A 84 -17.82 -19.89 -45.74
N SER A 85 -18.96 -19.51 -45.21
CA SER A 85 -19.31 -19.70 -43.83
C SER A 85 -19.31 -21.14 -43.36
N ARG A 86 -19.42 -22.15 -44.23
CA ARG A 86 -19.19 -23.54 -43.87
C ARG A 86 -17.81 -23.74 -43.22
N PHE A 87 -16.80 -22.97 -43.61
CA PHE A 87 -15.42 -23.23 -43.34
C PHE A 87 -14.87 -22.31 -42.23
N PHE A 88 -15.70 -21.40 -41.79
CA PHE A 88 -15.39 -20.33 -40.87
C PHE A 88 -15.74 -20.75 -39.43
N HIS A 89 -14.79 -20.54 -38.50
CA HIS A 89 -15.06 -20.91 -37.11
C HIS A 89 -15.41 -22.41 -37.01
N TYR A 90 -14.62 -23.23 -37.67
CA TYR A 90 -15.00 -24.63 -37.89
C TYR A 90 -14.32 -25.54 -36.89
N GLY A 91 -15.12 -26.11 -35.99
CA GLY A 91 -14.65 -26.89 -34.85
C GLY A 91 -14.19 -26.06 -33.67
N LEU A 92 -14.22 -24.72 -33.72
CA LEU A 92 -13.67 -23.91 -32.64
C LEU A 92 -14.65 -23.80 -31.48
N THR A 93 -14.13 -23.59 -30.28
CA THR A 93 -14.96 -23.16 -29.16
C THR A 93 -14.75 -21.65 -29.03
N SER A 94 -15.59 -20.91 -28.34
CA SER A 94 -15.49 -19.48 -28.24
C SER A 94 -14.12 -19.04 -27.71
N SER A 95 -13.62 -19.78 -26.70
CA SER A 95 -12.39 -19.36 -26.04
C SER A 95 -11.17 -19.63 -26.89
N ASP A 96 -11.18 -20.46 -27.93
CA ASP A 96 -10.13 -20.43 -28.94
C ASP A 96 -9.93 -19.02 -29.51
N VAL A 97 -11.01 -18.33 -29.85
CA VAL A 97 -10.94 -16.97 -30.36
C VAL A 97 -10.65 -15.96 -29.25
N LEU A 98 -11.40 -16.00 -28.15
CA LEU A 98 -11.22 -15.06 -27.06
C LEU A 98 -9.79 -15.04 -26.52
N ASP A 99 -9.25 -16.23 -26.22
CA ASP A 99 -8.01 -16.28 -25.45
C ASP A 99 -6.83 -16.05 -26.41
N THR A 100 -6.91 -16.62 -27.63
CA THR A 100 -5.96 -16.28 -28.65
C THR A 100 -5.98 -14.77 -28.94
N ALA A 101 -7.13 -14.14 -29.06
CA ALA A 101 -7.19 -12.69 -29.23
C ALA A 101 -6.62 -11.95 -28.02
N ASN A 102 -6.87 -12.41 -26.79
CA ASN A 102 -6.22 -11.72 -25.68
C ASN A 102 -4.71 -11.95 -25.62
N SER A 103 -4.16 -13.08 -26.04
CA SER A 103 -2.73 -13.18 -26.18
C SER A 103 -2.21 -12.16 -27.20
N LEU A 104 -2.84 -12.06 -28.39
CA LEU A 104 -2.40 -11.02 -29.32
C LEU A 104 -2.35 -9.66 -28.61
N ALA A 105 -3.39 -9.32 -27.86
CA ALA A 105 -3.50 -7.97 -27.30
C ALA A 105 -2.41 -7.76 -26.23
N LEU A 106 -2.16 -8.81 -25.44
CA LEU A 106 -1.27 -8.68 -24.29
C LEU A 106 0.20 -8.70 -24.73
N VAL A 107 0.47 -9.50 -25.76
CA VAL A 107 1.76 -9.45 -26.45
C VAL A 107 2.04 -8.06 -27.03
N GLU A 108 1.11 -7.50 -27.80
CA GLU A 108 1.29 -6.21 -28.44
C GLU A 108 1.33 -5.13 -27.35
N ALA A 109 0.42 -5.16 -26.37
CA ALA A 109 0.54 -4.28 -25.22
C ALA A 109 1.90 -4.40 -24.56
N GLY A 110 2.39 -5.64 -24.36
CA GLY A 110 3.69 -5.84 -23.75
C GLY A 110 4.76 -5.15 -24.57
N LYS A 111 4.72 -5.29 -25.90
CA LYS A 111 5.69 -4.65 -26.76
C LYS A 111 5.65 -3.13 -26.70
N ILE A 112 4.46 -2.51 -26.69
CA ILE A 112 4.38 -1.05 -26.54
C ILE A 112 4.95 -0.61 -25.19
N LEU A 113 4.59 -1.33 -24.13
CA LEU A 113 5.13 -1.11 -22.78
C LEU A 113 6.66 -1.21 -22.80
N LEU A 114 7.23 -2.25 -23.37
CA LEU A 114 8.65 -2.52 -23.43
C LEU A 114 9.46 -1.45 -24.18
N GLU A 115 9.02 -1.00 -25.34
CA GLU A 115 9.63 0.13 -26.02
C GLU A 115 9.55 1.42 -25.22
N SER A 116 8.45 1.72 -24.54
CA SER A 116 8.46 2.95 -23.73
C SER A 116 9.36 2.72 -22.54
N LEU A 117 9.46 1.52 -21.98
CA LEU A 117 10.33 1.25 -20.86
C LEU A 117 11.81 1.41 -21.24
N LYS A 118 12.22 0.87 -22.39
CA LYS A 118 13.59 1.04 -22.85
C LYS A 118 13.99 2.51 -23.01
N GLU A 119 13.07 3.29 -23.56
CA GLU A 119 13.15 4.71 -23.61
C GLU A 119 13.22 5.35 -22.21
N PHE A 120 12.48 4.86 -21.23
CA PHE A 120 12.67 5.37 -19.87
C PHE A 120 14.08 5.05 -19.36
N CYS A 121 14.59 3.86 -19.63
CA CYS A 121 15.99 3.56 -19.30
C CYS A 121 16.98 4.51 -19.96
N ASP A 122 16.84 4.85 -21.25
CA ASP A 122 17.77 5.75 -21.90
C ASP A 122 17.78 7.11 -21.25
N VAL A 123 16.61 7.67 -20.93
CA VAL A 123 16.51 8.93 -20.19
C VAL A 123 17.14 8.81 -18.82
N LEU A 124 16.95 7.70 -18.10
CA LEU A 124 17.54 7.55 -16.78
C LEU A 124 19.05 7.52 -16.86
N TRP A 125 19.63 6.75 -17.79
CA TRP A 125 21.06 6.68 -18.02
C TRP A 125 21.65 8.07 -18.32
N GLU A 126 20.96 8.80 -19.20
CA GLU A 126 21.39 10.15 -19.53
C GLU A 126 21.39 11.08 -18.32
N VAL A 127 20.32 11.04 -17.49
CA VAL A 127 20.23 11.94 -16.35
C VAL A 127 21.29 11.50 -15.31
N ALA A 128 21.44 10.19 -15.12
CA ALA A 128 22.40 9.72 -14.14
C ALA A 128 23.81 10.17 -14.55
N ASN A 129 24.18 10.04 -15.84
CA ASN A 129 25.51 10.46 -16.28
C ASN A 129 25.66 11.98 -16.18
N ARG A 130 24.60 12.73 -16.42
CA ARG A 130 24.68 14.18 -16.27
C ARG A 130 25.01 14.61 -14.86
N TYR A 131 24.45 13.93 -13.85
CA TYR A 131 24.80 14.25 -12.48
C TYR A 131 25.73 13.21 -11.88
N LYS A 132 26.58 12.52 -12.64
CA LYS A 132 27.44 11.48 -12.12
C LYS A 132 28.15 11.93 -10.85
N HIS A 133 28.71 13.14 -10.86
CA HIS A 133 29.58 13.65 -9.82
C HIS A 133 28.93 14.77 -9.03
N THR A 134 27.65 15.05 -9.16
CA THR A 134 26.92 15.99 -8.33
C THR A 134 26.77 15.49 -6.90
N PRO A 135 27.45 16.11 -5.95
CA PRO A 135 27.38 15.77 -4.53
C PRO A 135 25.97 15.99 -3.99
N THR A 136 25.50 15.14 -3.11
CA THR A 136 24.16 15.26 -2.52
C THR A 136 24.28 14.51 -1.20
N ILE A 137 23.38 14.80 -0.27
CA ILE A 137 23.46 14.06 1.00
C ILE A 137 22.61 12.79 0.91
N GLY A 138 23.19 11.65 1.28
CA GLY A 138 22.41 10.40 1.34
C GLY A 138 21.59 10.43 2.65
N ARG A 139 20.41 9.82 2.58
CA ARG A 139 19.43 9.98 3.64
C ARG A 139 18.88 8.63 4.07
N THR A 140 18.93 8.30 5.35
CA THR A 140 18.37 7.02 5.80
C THR A 140 17.41 7.31 6.91
N HIS A 141 16.21 6.71 6.88
CA HIS A 141 15.14 7.06 7.82
C HIS A 141 14.73 8.52 7.69
N GLY A 142 14.85 9.12 6.52
CA GLY A 142 14.70 10.56 6.32
C GLY A 142 15.74 11.46 6.95
N VAL A 143 16.84 10.95 7.46
CA VAL A 143 17.87 11.67 8.21
C VAL A 143 19.20 11.68 7.47
N HIS A 144 19.86 12.85 7.38
CA HIS A 144 21.17 12.99 6.76
C HIS A 144 22.09 11.87 7.26
N ALA A 145 22.65 11.11 6.30
CA ALA A 145 23.57 10.03 6.63
C ALA A 145 24.96 10.42 6.13
N GLU A 146 25.37 10.08 4.93
CA GLU A 146 26.67 10.36 4.37
C GLU A 146 26.52 10.88 2.92
N PRO A 147 27.49 11.68 2.47
CA PRO A 147 27.46 12.22 1.13
C PRO A 147 27.48 11.11 0.09
N THR A 148 26.88 11.38 -1.06
CA THR A 148 26.89 10.47 -2.18
C THR A 148 26.69 11.34 -3.43
N SER A 149 26.51 10.69 -4.59
CA SER A 149 26.22 11.48 -5.77
C SER A 149 24.76 11.33 -6.23
N PHE A 150 24.23 12.45 -6.75
CA PHE A 150 22.88 12.42 -7.32
C PHE A 150 22.75 11.54 -8.55
N GLY A 151 23.77 11.51 -9.40
CA GLY A 151 23.79 10.55 -10.48
C GLY A 151 23.73 9.11 -9.99
N LEU A 152 24.40 8.77 -8.89
CA LEU A 152 24.31 7.47 -8.29
C LEU A 152 22.87 7.14 -7.89
N LYS A 153 22.15 8.04 -7.25
CA LYS A 153 20.74 7.79 -6.97
C LYS A 153 19.93 7.50 -8.23
N VAL A 154 20.07 8.29 -9.30
CA VAL A 154 19.41 8.04 -10.56
C VAL A 154 19.84 6.72 -11.20
N LEU A 155 21.08 6.35 -11.03
CA LEU A 155 21.58 5.06 -11.51
C LEU A 155 20.76 3.94 -10.86
N GLY A 156 20.44 4.08 -9.58
CA GLY A 156 19.74 2.94 -8.90
C GLY A 156 18.37 2.78 -9.53
N TRP A 157 17.78 3.88 -9.98
CA TRP A 157 16.51 3.84 -10.69
C TRP A 157 16.65 3.24 -12.08
N TYR A 158 17.74 3.61 -12.74
CA TYR A 158 18.09 3.02 -14.01
C TYR A 158 18.27 1.51 -13.85
N SER A 159 18.90 1.10 -12.75
CA SER A 159 19.22 -0.32 -12.59
C SER A 159 17.91 -1.08 -12.41
N GLU A 160 17.03 -0.52 -11.58
CA GLU A 160 15.71 -1.08 -11.37
C GLU A 160 14.90 -1.20 -12.66
N MET A 161 14.88 -0.18 -13.51
CA MET A 161 14.13 -0.30 -14.77
C MET A 161 14.76 -1.24 -15.78
N LYS A 162 16.11 -1.42 -15.74
CA LYS A 162 16.70 -2.44 -16.58
C LYS A 162 16.34 -3.84 -16.11
N ARG A 163 16.21 -4.08 -14.81
CA ARG A 163 15.64 -5.32 -14.31
C ARG A 163 14.19 -5.48 -14.80
N ASN A 164 13.42 -4.41 -14.84
CA ASN A 164 12.06 -4.47 -15.36
C ASN A 164 11.97 -4.72 -16.86
N VAL A 165 12.90 -4.24 -17.68
CA VAL A 165 12.93 -4.55 -19.10
C VAL A 165 13.01 -6.07 -19.29
N GLN A 166 13.94 -6.69 -18.57
CA GLN A 166 14.07 -8.13 -18.65
C GLN A 166 12.80 -8.82 -18.13
N ARG A 167 12.23 -8.34 -17.04
CA ARG A 167 11.02 -8.91 -16.47
C ARG A 167 9.86 -8.78 -17.46
N LEU A 168 9.82 -7.68 -18.16
CA LEU A 168 8.79 -7.46 -19.18
C LEU A 168 8.96 -8.36 -20.39
N GLU A 169 10.16 -8.64 -20.86
CA GLU A 169 10.42 -9.61 -21.90
C GLU A 169 9.97 -11.02 -21.52
N ARG A 170 10.14 -11.47 -20.27
CA ARG A 170 9.64 -12.76 -19.83
C ARG A 170 8.11 -12.75 -19.74
N ALA A 171 7.54 -11.64 -19.24
CA ALA A 171 6.08 -11.57 -19.17
C ALA A 171 5.48 -11.64 -20.59
N ILE A 172 6.07 -10.96 -21.57
CA ILE A 172 5.65 -11.13 -22.97
C ILE A 172 5.74 -12.58 -23.42
N GLU A 173 6.86 -13.23 -23.15
CA GLU A 173 7.00 -14.65 -23.45
C GLU A 173 5.88 -15.47 -22.82
N GLU A 174 5.58 -15.23 -21.53
CA GLU A 174 4.59 -16.02 -20.82
C GLU A 174 3.22 -15.96 -21.46
N VAL A 175 2.90 -14.85 -22.10
CA VAL A 175 1.54 -14.61 -22.61
C VAL A 175 1.46 -14.85 -24.09
N SER A 176 2.53 -15.28 -24.74
CA SER A 176 2.62 -15.61 -26.16
C SER A 176 2.00 -16.95 -26.60
N TYR A 177 1.07 -17.52 -25.90
CA TYR A 177 0.45 -18.80 -26.10
C TYR A 177 -1.04 -18.56 -26.38
N GLY A 178 -1.53 -19.12 -27.49
CA GLY A 178 -2.96 -19.18 -27.70
C GLY A 178 -3.42 -20.64 -27.69
N LYS A 179 -4.63 -20.82 -28.16
CA LYS A 179 -5.17 -22.16 -28.28
C LYS A 179 -6.12 -22.19 -29.46
N ILE A 180 -6.03 -23.26 -30.22
CA ILE A 180 -7.03 -23.59 -31.26
C ILE A 180 -7.26 -25.12 -31.06
N SER A 181 -7.94 -25.48 -29.97
CA SER A 181 -8.03 -26.90 -29.57
C SER A 181 -9.47 -27.29 -29.27
N GLY A 182 -10.42 -26.36 -29.33
CA GLY A 182 -11.83 -26.75 -29.33
C GLY A 182 -12.33 -26.99 -27.91
N ALA A 183 -13.55 -27.51 -27.77
CA ALA A 183 -14.35 -27.36 -26.57
C ALA A 183 -13.65 -27.68 -25.24
N VAL A 184 -12.96 -28.84 -25.11
CA VAL A 184 -12.26 -29.15 -23.87
C VAL A 184 -10.78 -29.34 -24.11
N GLY A 185 -10.31 -28.80 -25.25
CA GLY A 185 -8.85 -28.62 -25.42
C GLY A 185 -8.12 -29.88 -25.88
N ASN A 186 -8.85 -30.88 -26.39
CA ASN A 186 -8.20 -32.15 -26.73
C ASN A 186 -8.26 -32.39 -28.24
N TYR A 187 -8.55 -31.37 -29.04
CA TYR A 187 -8.51 -31.41 -30.48
C TYR A 187 -9.51 -32.42 -31.04
N ALA A 188 -10.61 -32.70 -30.35
CA ALA A 188 -11.64 -33.58 -30.88
C ALA A 188 -12.28 -32.95 -32.14
N ASN A 189 -12.53 -31.65 -32.14
CA ASN A 189 -13.20 -30.96 -33.22
C ASN A 189 -12.32 -30.14 -34.16
N VAL A 190 -11.05 -29.92 -33.82
CA VAL A 190 -10.14 -29.17 -34.71
C VAL A 190 -8.75 -29.75 -34.51
N PRO A 191 -8.03 -30.06 -35.59
CA PRO A 191 -6.78 -30.81 -35.48
C PRO A 191 -5.69 -29.97 -34.85
N PRO A 192 -4.75 -30.61 -34.18
CA PRO A 192 -3.63 -29.92 -33.54
C PRO A 192 -2.67 -29.30 -34.55
N GLU A 193 -2.61 -29.84 -35.77
CA GLU A 193 -1.79 -29.26 -36.83
C GLU A 193 -2.43 -27.98 -37.34
N VAL A 194 -3.77 -27.90 -37.30
CA VAL A 194 -4.39 -26.60 -37.61
C VAL A 194 -4.03 -25.55 -36.57
N GLU A 195 -4.08 -25.91 -35.29
CA GLU A 195 -3.64 -25.02 -34.22
C GLU A 195 -2.20 -24.57 -34.45
N GLU A 196 -1.29 -25.49 -34.72
CA GLU A 196 0.11 -25.13 -34.84
C GLU A 196 0.33 -24.15 -36.00
N LYS A 197 -0.32 -24.39 -37.15
CA LYS A 197 -0.13 -23.48 -38.27
C LYS A 197 -0.78 -22.13 -37.97
N ALA A 198 -2.02 -22.17 -37.44
CA ALA A 198 -2.75 -20.94 -37.26
C ALA A 198 -1.99 -20.04 -36.28
N LEU A 199 -1.52 -20.60 -35.17
CA LEU A 199 -0.81 -19.74 -34.20
C LEU A 199 0.54 -19.26 -34.66
N SER A 200 1.28 -20.05 -35.48
CA SER A 200 2.56 -19.50 -35.98
C SER A 200 2.27 -18.35 -36.92
N TYR A 201 1.23 -18.36 -37.77
CA TYR A 201 0.92 -17.14 -38.50
C TYR A 201 0.68 -15.92 -37.60
N LEU A 202 0.13 -16.07 -36.41
CA LEU A 202 -0.13 -14.94 -35.53
C LEU A 202 1.10 -14.59 -34.69
N GLY A 203 2.21 -15.32 -34.78
CA GLY A 203 3.37 -15.02 -33.96
C GLY A 203 3.27 -15.63 -32.56
N LEU A 204 2.36 -16.59 -32.37
CA LEU A 204 2.07 -17.16 -31.06
C LEU A 204 2.48 -18.62 -31.00
N LYS A 205 2.61 -19.17 -29.81
CA LYS A 205 2.78 -20.62 -29.67
C LYS A 205 1.53 -21.27 -29.09
N PRO A 206 1.36 -22.56 -29.40
CA PRO A 206 0.28 -23.35 -28.85
C PRO A 206 0.42 -23.63 -27.37
N GLU A 207 -0.62 -23.39 -26.56
CA GLU A 207 -0.58 -23.94 -25.19
C GLU A 207 -0.35 -25.45 -25.35
N PRO A 208 0.68 -26.01 -24.71
CA PRO A 208 1.04 -27.41 -24.87
C PRO A 208 -0.03 -28.40 -24.45
N VAL A 209 -0.77 -28.11 -23.36
CA VAL A 209 -2.05 -28.68 -23.09
C VAL A 209 -2.98 -27.53 -22.60
N SER A 210 -4.05 -27.28 -23.31
CA SER A 210 -5.04 -26.33 -22.82
C SER A 210 -6.30 -27.10 -22.38
N THR A 211 -7.19 -26.46 -21.65
CA THR A 211 -8.52 -27.04 -21.43
C THR A 211 -9.47 -26.31 -22.37
N GLN A 212 -10.66 -25.87 -21.93
CA GLN A 212 -11.41 -24.97 -22.81
C GLN A 212 -10.69 -23.63 -22.94
N VAL A 213 -9.75 -23.33 -22.09
CA VAL A 213 -9.17 -21.98 -21.93
C VAL A 213 -7.67 -22.07 -21.84
N VAL A 214 -6.95 -21.00 -22.16
CA VAL A 214 -5.53 -20.84 -21.83
C VAL A 214 -5.47 -20.67 -20.30
N PRO A 215 -4.60 -21.42 -19.61
CA PRO A 215 -4.45 -21.39 -18.19
C PRO A 215 -4.10 -20.00 -17.68
N ARG A 216 -4.79 -19.58 -16.60
CA ARG A 216 -4.71 -18.18 -16.18
C ARG A 216 -3.51 -17.82 -15.33
N ASP A 217 -2.62 -18.76 -15.04
CA ASP A 217 -1.36 -18.42 -14.38
C ASP A 217 -0.45 -17.55 -15.26
N ARG A 218 -0.56 -17.69 -16.59
CA ARG A 218 0.19 -16.88 -17.52
C ARG A 218 -0.22 -15.41 -17.37
N HIS A 219 -1.50 -15.15 -17.32
CA HIS A 219 -1.95 -13.74 -17.21
C HIS A 219 -1.61 -13.16 -15.84
N ALA A 220 -1.66 -13.98 -14.78
CA ALA A 220 -1.37 -13.51 -13.43
C ALA A 220 0.12 -13.17 -13.32
N PHE A 221 0.96 -13.95 -13.96
CA PHE A 221 2.41 -13.67 -14.01
C PHE A 221 2.67 -12.35 -14.71
N TYR A 222 2.02 -12.11 -15.83
CA TYR A 222 2.13 -10.85 -16.57
C TYR A 222 1.69 -9.63 -15.75
N LEU A 223 0.57 -9.72 -15.09
CA LEU A 223 0.03 -8.59 -14.32
C LEU A 223 0.81 -8.34 -13.05
N SER A 224 1.27 -9.45 -12.41
CA SER A 224 2.27 -9.30 -11.36
C SER A 224 3.51 -8.57 -11.84
N THR A 225 4.11 -8.96 -12.95
CA THR A 225 5.25 -8.14 -13.43
C THR A 225 4.85 -6.69 -13.66
N LEU A 226 3.68 -6.45 -14.23
CA LEU A 226 3.27 -5.04 -14.43
C LEU A 226 3.22 -4.33 -13.11
N ALA A 227 2.75 -4.92 -12.02
CA ALA A 227 2.62 -4.17 -10.74
C ALA A 227 4.00 -3.88 -10.14
N ILE A 228 4.95 -4.77 -10.45
CA ILE A 228 6.34 -4.56 -9.99
C ILE A 228 6.93 -3.36 -10.73
N VAL A 229 6.67 -3.23 -12.04
CA VAL A 229 7.23 -2.11 -12.78
C VAL A 229 6.64 -0.82 -12.22
N ALA A 230 5.34 -0.81 -11.98
CA ALA A 230 4.66 0.35 -11.41
C ALA A 230 5.24 0.80 -10.07
N ALA A 231 5.57 -0.08 -9.18
CA ALA A 231 6.09 0.25 -7.86
C ALA A 231 7.49 0.84 -7.93
N GLY A 232 8.26 0.43 -8.95
CA GLY A 232 9.57 1.06 -9.19
C GLY A 232 9.34 2.49 -9.67
N ILE A 233 8.32 2.72 -10.51
CA ILE A 233 7.94 4.10 -10.84
C ILE A 233 7.51 4.83 -9.58
N GLU A 234 6.72 4.18 -8.74
CA GLU A 234 6.32 4.73 -7.45
C GLU A 234 7.52 5.05 -6.55
N ARG A 235 8.61 4.29 -6.57
CA ARG A 235 9.78 4.66 -5.75
C ARG A 235 10.36 5.99 -6.24
N ILE A 236 10.47 6.10 -7.57
CA ILE A 236 10.99 7.32 -8.17
C ILE A 236 10.12 8.53 -7.85
N ALA A 237 8.81 8.39 -7.95
CA ALA A 237 7.87 9.48 -7.76
C ALA A 237 7.87 9.90 -6.30
N VAL A 238 7.96 8.96 -5.35
CA VAL A 238 8.08 9.37 -3.94
C VAL A 238 9.41 10.08 -3.71
N GLU A 239 10.55 9.69 -4.31
CA GLU A 239 11.75 10.49 -4.12
C GLU A 239 11.59 11.94 -4.54
N ILE A 240 10.96 12.16 -5.69
CA ILE A 240 10.77 13.52 -6.22
C ILE A 240 9.81 14.32 -5.38
N ARG A 241 8.74 13.71 -4.86
CA ARG A 241 7.93 14.37 -3.83
C ARG A 241 8.75 14.85 -2.64
N HIS A 242 9.64 13.99 -2.12
CA HIS A 242 10.39 14.38 -0.94
C HIS A 242 11.35 15.51 -1.35
N LEU A 243 12.03 15.34 -2.49
CA LEU A 243 13.02 16.32 -2.90
C LEU A 243 12.42 17.65 -3.32
N GLN A 244 11.14 17.73 -3.65
CA GLN A 244 10.50 18.98 -4.03
C GLN A 244 9.82 19.67 -2.84
N ARG A 245 9.82 19.04 -1.67
CA ARG A 245 9.26 19.71 -0.48
C ARG A 245 9.99 21.01 -0.15
N THR A 246 9.29 21.93 0.56
CA THR A 246 9.81 23.29 0.73
C THR A 246 11.15 23.34 1.46
N GLU A 247 11.35 22.46 2.42
CA GLU A 247 12.54 22.44 3.26
C GLU A 247 13.68 21.81 2.50
N VAL A 248 13.48 21.12 1.38
CA VAL A 248 14.53 20.43 0.67
C VAL A 248 14.90 21.14 -0.64
N LEU A 249 13.95 21.39 -1.53
CA LEU A 249 14.19 22.02 -2.81
C LEU A 249 15.37 21.51 -3.65
N GLU A 250 15.59 20.22 -3.76
CA GLU A 250 16.72 19.74 -4.60
C GLU A 250 16.26 19.48 -6.01
N VAL A 251 14.98 19.20 -6.26
CA VAL A 251 14.50 18.77 -7.57
C VAL A 251 13.09 19.36 -7.78
N GLU A 252 12.72 19.62 -9.03
CA GLU A 252 11.37 20.10 -9.30
C GLU A 252 10.83 19.49 -10.58
N GLU A 253 9.69 18.78 -10.37
CA GLU A 253 9.09 18.11 -11.53
C GLU A 253 8.64 19.16 -12.54
N PRO A 254 8.64 18.82 -13.82
CA PRO A 254 8.23 19.69 -14.88
C PRO A 254 6.79 20.18 -14.70
N PHE A 255 6.48 21.36 -15.24
CA PHE A 255 5.12 21.86 -15.06
C PHE A 255 4.59 22.66 -16.23
N ARG A 256 3.28 22.79 -16.31
CA ARG A 256 2.54 23.62 -17.24
C ARG A 256 2.52 22.95 -18.62
N SER A 263 3.70 33.13 -15.76
CA SER A 263 4.79 32.43 -15.00
C SER A 263 4.37 32.14 -13.57
N ALA A 264 4.66 30.92 -13.12
CA ALA A 264 4.17 30.37 -11.86
C ALA A 264 4.81 31.04 -10.65
N MET A 265 4.09 31.00 -9.52
CA MET A 265 4.64 31.39 -8.22
C MET A 265 5.74 30.43 -7.84
N PRO A 266 6.90 30.94 -7.42
CA PRO A 266 8.06 30.11 -7.17
C PRO A 266 7.93 29.24 -5.94
N HIS A 267 7.10 29.65 -5.00
CA HIS A 267 6.91 28.90 -3.76
C HIS A 267 5.77 27.90 -3.87
N LYS A 268 5.00 27.89 -4.95
CA LYS A 268 3.83 27.01 -5.01
C LYS A 268 3.99 25.91 -6.04
N LYS A 269 5.18 25.38 -6.27
CA LYS A 269 5.38 24.32 -7.24
C LYS A 269 5.10 22.94 -6.62
N ASN A 270 3.99 22.35 -6.95
CA ASN A 270 3.54 21.15 -6.24
C ASN A 270 3.88 19.93 -7.07
N PRO A 271 4.33 18.85 -6.45
CA PRO A 271 4.67 17.63 -7.18
C PRO A 271 3.46 16.76 -7.50
N ILE A 272 2.56 17.30 -8.30
CA ILE A 272 1.23 16.77 -8.63
C ILE A 272 1.35 15.57 -9.54
N THR A 273 2.29 15.53 -10.47
CA THR A 273 2.40 14.40 -11.39
C THR A 273 2.88 13.16 -10.68
N CYS A 274 3.90 13.35 -9.83
CA CYS A 274 4.45 12.34 -8.96
C CYS A 274 3.48 11.78 -7.93
N GLU A 275 2.55 12.59 -7.43
CA GLU A 275 1.51 12.12 -6.50
C GLU A 275 0.50 11.31 -7.29
N ARG A 276 0.19 11.77 -8.50
CA ARG A 276 -0.62 10.99 -9.44
C ARG A 276 0.03 9.63 -9.74
N LEU A 277 1.33 9.60 -10.00
CA LEU A 277 2.03 8.34 -10.31
C LEU A 277 1.95 7.41 -9.12
N THR A 278 2.05 7.96 -7.91
CA THR A 278 1.92 7.17 -6.70
C THR A 278 0.56 6.49 -6.65
N GLY A 279 -0.50 7.27 -6.87
CA GLY A 279 -1.87 6.70 -6.83
C GLY A 279 -2.07 5.68 -7.94
N LEU A 280 -1.57 5.91 -9.14
CA LEU A 280 -1.72 4.91 -10.21
C LEU A 280 -0.98 3.63 -9.87
N SER A 281 0.17 3.72 -9.16
CA SER A 281 0.85 2.52 -8.75
C SER A 281 -0.05 1.70 -7.83
N ARG A 282 -0.84 2.34 -6.97
CA ARG A 282 -1.74 1.61 -6.10
C ARG A 282 -2.79 0.87 -6.89
N MET A 283 -3.23 1.31 -8.07
CA MET A 283 -4.26 0.63 -8.83
C MET A 283 -3.62 -0.61 -9.52
N MET A 284 -2.38 -0.39 -9.96
CA MET A 284 -1.66 -1.45 -10.64
C MET A 284 -1.43 -2.65 -9.73
N ARG A 285 -1.02 -2.40 -8.47
CA ARG A 285 -0.91 -3.51 -7.57
C ARG A 285 -2.29 -4.05 -7.17
N ALA A 286 -3.32 -3.25 -7.18
CA ALA A 286 -4.67 -3.76 -6.82
C ALA A 286 -5.08 -4.82 -7.84
N TYR A 287 -4.71 -4.73 -9.11
CA TYR A 287 -5.14 -5.73 -10.09
C TYR A 287 -4.48 -7.10 -9.94
N VAL A 288 -3.44 -7.26 -9.13
CA VAL A 288 -2.71 -8.49 -8.99
C VAL A 288 -3.55 -9.55 -8.29
N ASP A 289 -4.17 -9.23 -7.17
CA ASP A 289 -4.98 -10.20 -6.47
C ASP A 289 -6.12 -10.83 -7.24
N PRO A 290 -6.91 -10.06 -7.98
CA PRO A 290 -7.98 -10.61 -8.82
C PRO A 290 -7.43 -11.52 -9.89
N SER A 291 -6.31 -11.14 -10.51
CA SER A 291 -5.65 -12.05 -11.45
C SER A 291 -5.21 -13.38 -10.85
N LEU A 292 -4.62 -13.39 -9.65
CA LEU A 292 -4.22 -14.60 -8.99
C LEU A 292 -5.41 -15.51 -8.67
N GLU A 293 -6.55 -14.98 -8.24
CA GLU A 293 -7.64 -15.95 -8.03
C GLU A 293 -8.43 -16.28 -9.27
N ASN A 294 -8.19 -15.66 -10.43
CA ASN A 294 -8.68 -16.17 -11.70
C ASN A 294 -8.01 -17.51 -12.04
N ILE A 295 -6.91 -17.84 -11.37
CA ILE A 295 -6.16 -19.03 -11.71
C ILE A 295 -6.94 -20.32 -11.46
N ALA A 296 -7.58 -20.45 -10.34
CA ALA A 296 -8.27 -21.68 -9.97
C ALA A 296 -9.67 -21.77 -10.57
N LEU A 297 -9.76 -21.88 -11.89
CA LEU A 297 -11.02 -22.11 -12.59
C LEU A 297 -11.46 -23.54 -12.30
N TRP A 298 -12.77 -23.79 -12.29
CA TRP A 298 -13.33 -25.10 -12.01
C TRP A 298 -13.22 -25.98 -13.27
N HIS A 299 -12.66 -27.18 -13.13
CA HIS A 299 -12.50 -28.14 -14.20
C HIS A 299 -11.90 -27.54 -15.46
N GLU A 300 -12.62 -27.68 -16.59
CA GLU A 300 -12.03 -27.36 -17.89
C GLU A 300 -12.41 -25.96 -18.26
N ARG A 301 -13.12 -25.26 -17.34
CA ARG A 301 -13.14 -23.83 -17.20
C ARG A 301 -14.47 -23.39 -16.53
N ASP A 302 -14.35 -22.29 -15.77
CA ASP A 302 -15.58 -21.51 -15.58
C ASP A 302 -15.35 -20.11 -16.14
N ILE A 303 -16.38 -19.26 -16.22
CA ILE A 303 -16.13 -17.99 -16.93
C ILE A 303 -16.04 -16.81 -15.98
N SER A 304 -15.80 -17.07 -14.69
CA SER A 304 -15.64 -15.99 -13.70
C SER A 304 -14.53 -15.00 -14.04
N HIS A 305 -13.44 -15.45 -14.64
CA HIS A 305 -12.34 -14.60 -15.04
C HIS A 305 -12.67 -13.57 -16.12
N SER A 306 -13.66 -13.80 -16.96
CA SER A 306 -13.95 -12.95 -18.10
C SER A 306 -14.25 -11.52 -17.64
N SER A 307 -15.13 -11.41 -16.65
CA SER A 307 -15.53 -10.09 -16.16
C SER A 307 -14.35 -9.35 -15.51
N VAL A 308 -13.53 -10.06 -14.72
CA VAL A 308 -12.32 -9.46 -14.18
C VAL A 308 -11.41 -8.94 -15.28
N GLU A 309 -11.22 -9.71 -16.33
CA GLU A 309 -10.28 -9.37 -17.42
C GLU A 309 -10.78 -8.22 -18.28
N ARG A 310 -12.10 -7.97 -18.33
CA ARG A 310 -12.61 -6.77 -19.01
C ARG A 310 -12.13 -5.51 -18.29
N TYR A 311 -11.90 -5.52 -16.99
CA TYR A 311 -11.34 -4.38 -16.29
C TYR A 311 -9.82 -4.44 -16.40
N VAL A 312 -9.25 -5.58 -16.02
CA VAL A 312 -7.82 -5.58 -15.77
C VAL A 312 -6.97 -5.49 -17.01
N PHE A 313 -7.26 -6.19 -18.10
CA PHE A 313 -6.34 -6.18 -19.24
C PHE A 313 -6.13 -4.77 -19.79
N PRO A 314 -7.21 -4.07 -20.16
CA PRO A 314 -7.17 -2.72 -20.65
C PRO A 314 -6.70 -1.74 -19.55
N ASP A 315 -7.15 -1.84 -18.30
CA ASP A 315 -6.79 -0.87 -17.28
C ASP A 315 -5.32 -1.03 -16.86
N ALA A 316 -4.85 -2.26 -16.69
CA ALA A 316 -3.47 -2.43 -16.23
C ALA A 316 -2.47 -2.00 -17.30
N THR A 317 -2.70 -2.38 -18.55
CA THR A 317 -1.75 -2.01 -19.60
C THR A 317 -1.82 -0.52 -19.90
N GLN A 318 -2.99 0.13 -19.81
CA GLN A 318 -3.08 1.54 -20.16
C GLN A 318 -2.54 2.37 -19.00
N THR A 319 -2.79 1.96 -17.77
CA THR A 319 -2.30 2.74 -16.63
C THR A 319 -0.79 2.67 -16.58
N LEU A 320 -0.17 1.48 -16.72
CA LEU A 320 1.27 1.38 -16.73
C LEU A 320 1.85 2.16 -17.92
N TYR A 321 1.28 2.02 -19.11
CA TYR A 321 1.76 2.82 -20.24
C TYR A 321 1.76 4.30 -19.90
N TYR A 322 0.65 4.83 -19.37
CA TYR A 322 0.61 6.22 -18.90
C TYR A 322 1.70 6.49 -17.88
N MET A 323 1.95 5.58 -16.93
CA MET A 323 2.95 5.83 -15.89
C MET A 323 4.35 5.92 -16.50
N ILE A 324 4.70 5.02 -17.40
CA ILE A 324 6.02 5.01 -18.02
C ILE A 324 6.27 6.29 -18.84
N VAL A 325 5.30 6.66 -19.66
CA VAL A 325 5.47 7.87 -20.50
C VAL A 325 5.55 9.12 -19.65
N THR A 326 4.67 9.19 -18.62
CA THR A 326 4.71 10.38 -17.76
C THR A 326 5.97 10.40 -16.92
N ALA A 327 6.41 9.28 -16.36
CA ALA A 327 7.66 9.30 -15.55
C ALA A 327 8.85 9.65 -16.43
N THR A 328 8.88 9.17 -17.67
CA THR A 328 9.92 9.54 -18.62
C THR A 328 10.00 11.07 -18.80
N ASN A 329 8.88 11.74 -19.00
CA ASN A 329 8.87 13.19 -19.14
C ASN A 329 9.28 13.87 -17.83
N VAL A 330 8.81 13.36 -16.70
CA VAL A 330 9.23 13.90 -15.42
C VAL A 330 10.76 13.88 -15.31
N VAL A 331 11.39 12.72 -15.40
CA VAL A 331 12.83 12.61 -15.31
C VAL A 331 13.57 13.32 -16.42
N ARG A 332 13.08 13.28 -17.65
CA ARG A 332 13.69 14.08 -18.71
C ARG A 332 13.74 15.58 -18.37
N ASN A 333 12.63 16.14 -17.86
CA ASN A 333 12.53 17.60 -17.85
C ASN A 333 12.62 18.21 -16.46
N MET A 334 12.73 17.38 -15.44
CA MET A 334 12.74 17.93 -14.08
C MET A 334 13.95 18.87 -13.97
N LYS A 335 13.79 19.90 -13.18
CA LYS A 335 14.91 20.75 -12.78
C LYS A 335 15.64 20.13 -11.62
N VAL A 336 16.96 20.12 -11.72
CA VAL A 336 17.84 19.61 -10.69
C VAL A 336 18.65 20.78 -10.14
N ASN A 337 18.46 21.06 -8.84
CA ASN A 337 19.16 22.16 -8.19
C ASN A 337 20.48 21.67 -7.60
N GLU A 338 21.56 21.66 -8.36
CA GLU A 338 22.82 21.16 -7.81
C GLU A 338 23.44 21.92 -6.65
N GLU A 339 23.33 23.24 -6.65
CA GLU A 339 23.89 24.05 -5.56
C GLU A 339 23.15 23.85 -4.25
N ARG A 340 21.83 23.75 -4.33
CA ARG A 340 21.02 23.33 -3.22
C ARG A 340 21.35 21.94 -2.69
N MET A 341 21.62 21.00 -3.61
CA MET A 341 21.96 19.66 -3.13
C MET A 341 23.28 19.77 -2.37
N LYS A 342 24.22 20.51 -2.92
CA LYS A 342 25.53 20.67 -2.29
C LYS A 342 25.40 21.42 -0.97
N LYS A 343 24.65 22.50 -0.96
CA LYS A 343 24.30 23.23 0.25
C LYS A 343 23.61 22.36 1.29
N ASN A 344 22.70 21.46 0.91
CA ASN A 344 22.06 20.61 1.93
C ASN A 344 23.01 19.69 2.66
N ILE A 345 24.16 19.31 2.09
CA ILE A 345 25.15 18.54 2.82
C ILE A 345 25.62 19.23 4.10
N ASP A 346 25.71 20.55 4.11
CA ASP A 346 26.19 21.31 5.25
C ASP A 346 25.08 21.76 6.20
N LEU A 347 23.86 21.22 6.03
CA LEU A 347 22.77 21.63 6.91
C LEU A 347 23.14 21.39 8.38
N THR A 348 23.75 20.24 8.68
CA THR A 348 24.06 19.88 10.05
C THR A 348 25.49 20.30 10.41
N LYS A 349 26.09 21.18 9.63
CA LYS A 349 27.27 21.94 9.93
C LYS A 349 28.48 21.07 10.24
N GLY A 350 28.70 20.05 9.42
CA GLY A 350 29.82 19.15 9.52
C GLY A 350 29.53 17.80 10.16
N LEU A 351 28.34 17.61 10.75
CA LEU A 351 28.08 16.45 11.59
C LEU A 351 27.92 15.18 10.81
N VAL A 352 27.59 15.27 9.53
CA VAL A 352 27.70 14.26 8.50
C VAL A 352 29.04 13.56 8.46
N PHE A 353 30.16 14.22 8.82
CA PHE A 353 31.46 13.59 8.88
C PHE A 353 31.80 13.04 10.28
N SER A 354 30.81 12.97 11.19
CA SER A 354 31.08 12.62 12.57
C SER A 354 31.59 11.21 12.79
N GLN A 355 31.28 10.21 11.98
CA GLN A 355 31.85 8.88 12.09
C GLN A 355 33.33 8.84 11.72
N ARG A 356 33.75 9.62 10.72
CA ARG A 356 35.16 9.72 10.41
C ARG A 356 35.98 10.27 11.58
N VAL A 357 35.52 11.36 12.19
CA VAL A 357 36.09 11.88 13.42
C VAL A 357 36.12 10.83 14.53
N LEU A 358 35.05 10.06 14.71
CA LEU A 358 35.01 9.09 15.79
C LEU A 358 36.12 8.05 15.61
N LEU A 359 36.19 7.46 14.42
CA LEU A 359 37.15 6.43 14.11
C LEU A 359 38.60 6.89 14.18
N LYS A 360 38.87 8.13 13.81
CA LYS A 360 40.17 8.76 13.93
C LYS A 360 40.67 8.83 15.37
N LEU A 361 39.78 9.03 16.33
CA LEU A 361 40.12 9.04 17.74
C LEU A 361 40.43 7.65 18.26
N ILE A 362 39.76 6.62 17.77
CA ILE A 362 40.13 5.24 18.08
C ILE A 362 41.46 4.87 17.43
N GLU A 363 41.71 5.32 16.21
CA GLU A 363 42.98 5.12 15.52
C GLU A 363 44.14 5.62 16.38
N LYS A 364 44.02 6.85 16.86
CA LYS A 364 44.96 7.53 17.72
C LYS A 364 44.95 7.09 19.18
N GLY A 365 44.43 5.92 19.52
CA GLY A 365 44.64 5.33 20.82
C GLY A 365 43.32 5.05 21.55
N LEU A 366 42.38 5.99 21.44
CA LEU A 366 41.20 5.95 22.29
C LEU A 366 40.35 4.72 22.05
N THR A 367 39.55 4.40 23.07
CA THR A 367 38.63 3.29 22.97
C THR A 367 37.30 3.77 22.39
N ARG A 368 36.50 2.86 21.88
CA ARG A 368 35.24 3.20 21.23
C ARG A 368 34.38 4.15 22.06
N LYS A 369 34.20 3.87 23.35
CA LYS A 369 33.45 4.74 24.25
C LYS A 369 34.13 6.06 24.50
N GLU A 370 35.44 6.07 24.73
CA GLU A 370 36.20 7.32 24.85
C GLU A 370 35.94 8.23 23.66
N ALA A 371 36.22 7.75 22.45
CA ALA A 371 36.07 8.53 21.23
C ALA A 371 34.65 9.08 21.07
N TYR A 372 33.68 8.19 21.22
CA TYR A 372 32.27 8.50 21.16
C TYR A 372 31.86 9.67 22.05
N ASP A 373 32.29 9.71 23.32
CA ASP A 373 31.95 10.83 24.18
C ASP A 373 32.52 12.16 23.71
N ILE A 374 33.74 12.22 23.19
CA ILE A 374 34.25 13.47 22.64
C ILE A 374 33.38 13.91 21.46
N VAL A 375 33.05 13.01 20.55
CA VAL A 375 32.27 13.38 19.36
C VAL A 375 30.86 13.83 19.75
N GLN A 376 30.24 13.09 20.65
CA GLN A 376 28.91 13.42 21.16
C GLN A 376 28.84 14.81 21.77
N ARG A 377 29.80 15.16 22.63
CA ARG A 377 29.80 16.51 23.20
C ARG A 377 29.92 17.60 22.17
N ASN A 378 30.82 17.44 21.20
CA ASN A 378 30.97 18.44 20.14
C ASN A 378 29.77 18.49 19.21
N ALA A 379 29.15 17.31 18.99
CA ALA A 379 27.96 17.22 18.15
C ALA A 379 26.83 18.05 18.74
N LEU A 380 26.61 17.81 20.02
CA LEU A 380 25.66 18.52 20.86
C LEU A 380 25.89 20.03 20.76
N LYS A 381 27.12 20.49 20.97
CA LYS A 381 27.39 21.93 20.92
C LYS A 381 27.10 22.51 19.53
N THR A 382 27.54 21.80 18.49
CA THR A 382 27.22 22.15 17.13
C THR A 382 25.73 22.22 16.87
N TRP A 383 25.01 21.18 17.26
CA TRP A 383 23.57 21.08 17.07
C TRP A 383 22.82 22.26 17.68
N ASN A 384 23.18 22.63 18.91
CA ASN A 384 22.48 23.68 19.65
C ASN A 384 23.02 25.08 19.41
N SER A 385 23.88 25.29 18.40
CA SER A 385 24.40 26.60 18.12
C SER A 385 24.57 26.81 16.62
N GLU A 386 25.33 27.86 16.31
CA GLU A 386 25.59 28.25 14.94
C GLU A 386 27.03 27.96 14.50
N LYS A 387 27.89 27.54 15.43
CA LYS A 387 29.23 27.21 15.04
C LYS A 387 29.27 25.76 14.54
N HIS A 388 30.13 25.53 13.58
CA HIS A 388 30.39 24.26 12.96
C HIS A 388 31.09 23.23 13.84
N PHE A 389 30.82 21.97 13.55
CA PHE A 389 31.49 20.85 14.20
C PHE A 389 33.02 20.99 14.21
N LEU A 390 33.64 21.30 13.09
CA LEU A 390 35.07 21.44 12.93
C LEU A 390 35.63 22.47 13.91
N GLU A 391 35.09 23.68 13.85
CA GLU A 391 35.45 24.73 14.82
C GLU A 391 35.38 24.23 16.26
N TYR A 392 34.35 23.51 16.71
CA TYR A 392 34.39 22.87 18.00
C TYR A 392 35.46 21.80 18.17
N LEU A 393 35.76 21.02 17.15
CA LEU A 393 36.74 19.94 17.34
C LEU A 393 38.12 20.56 17.56
N LEU A 394 38.44 21.57 16.77
CA LEU A 394 39.72 22.24 16.80
C LEU A 394 40.07 22.80 18.16
N GLU A 395 39.08 23.40 18.82
CA GLU A 395 39.18 23.89 20.19
C GLU A 395 39.06 22.82 21.27
N ASP A 396 38.73 21.59 20.96
CA ASP A 396 38.70 20.56 22.01
C ASP A 396 40.11 20.08 22.35
N GLU A 397 40.51 20.31 23.59
CA GLU A 397 41.85 20.01 24.08
C GLU A 397 42.21 18.54 23.97
N GLU A 398 41.31 17.65 24.38
CA GLU A 398 41.49 16.21 24.20
C GLU A 398 41.70 15.80 22.74
N VAL A 399 41.04 16.49 21.82
CA VAL A 399 41.21 16.34 20.39
C VAL A 399 42.52 16.95 19.94
N LYS A 400 42.90 18.06 20.56
CA LYS A 400 44.10 18.81 20.21
C LYS A 400 45.38 18.05 20.47
N LYS A 401 45.37 17.11 21.39
CA LYS A 401 46.52 16.31 21.75
C LYS A 401 46.55 14.94 21.10
N LEU A 402 45.62 14.67 20.19
CA LEU A 402 45.55 13.36 19.55
C LEU A 402 45.59 13.49 18.04
N VAL A 403 45.04 14.60 17.55
CA VAL A 403 44.89 14.84 16.12
C VAL A 403 45.44 16.23 15.76
N THR A 404 46.17 16.31 14.66
CA THR A 404 46.58 17.57 14.06
C THR A 404 45.37 18.28 13.49
N LYS A 405 45.46 19.58 13.25
CA LYS A 405 44.44 20.35 12.57
C LYS A 405 44.29 19.94 11.10
N GLU A 406 45.38 19.68 10.40
CA GLU A 406 45.29 19.29 9.00
C GLU A 406 44.68 17.89 8.88
N GLU A 407 44.93 16.92 9.91
CA GLU A 407 44.35 15.60 10.04
C GLU A 407 42.83 15.69 10.27
N LEU A 408 42.42 16.86 10.86
CA LEU A 408 41.01 17.14 11.23
C LEU A 408 40.21 17.63 10.07
N GLU A 409 40.78 18.61 9.43
CA GLU A 409 40.15 19.22 8.31
C GLU A 409 39.93 18.27 7.14
N GLU A 410 40.75 17.25 7.05
CA GLU A 410 40.70 16.43 5.83
C GLU A 410 39.72 15.30 5.95
N LEU A 411 39.29 15.00 7.18
CA LEU A 411 38.08 14.25 7.46
C LEU A 411 36.79 14.92 6.99
N PHE A 412 36.81 16.17 6.58
CA PHE A 412 35.68 16.90 6.04
C PHE A 412 35.75 16.98 4.52
N ASP A 413 36.66 16.22 3.89
CA ASP A 413 36.67 16.12 2.43
C ASP A 413 35.56 15.25 1.87
N ILE A 414 34.73 15.74 0.99
CA ILE A 414 33.65 15.00 0.36
C ILE A 414 34.14 13.90 -0.57
N SER A 415 35.38 13.98 -1.08
CA SER A 415 35.88 13.03 -2.04
C SER A 415 36.13 11.65 -1.48
N TYR A 416 36.31 11.50 -0.18
CA TYR A 416 36.22 10.23 0.51
C TYR A 416 34.94 9.47 0.18
N TYR A 417 33.79 10.13 0.09
CA TYR A 417 32.49 9.53 -0.05
C TYR A 417 32.18 9.21 -1.51
N LEU A 418 32.94 9.96 -2.32
CA LEU A 418 32.74 9.82 -3.75
C LEU A 418 33.84 8.98 -4.34
N LYS A 419 34.90 8.45 -3.85
CA LYS A 419 35.90 7.72 -4.62
C LYS A 419 35.43 6.55 -5.48
N HIS A 420 34.21 5.98 -5.40
CA HIS A 420 33.91 4.74 -6.07
C HIS A 420 32.69 4.92 -6.94
N VAL A 421 32.27 6.19 -7.05
CA VAL A 421 31.18 6.48 -7.99
C VAL A 421 31.40 5.94 -9.40
N ASP A 422 32.60 6.11 -9.83
CA ASP A 422 33.08 5.81 -11.17
C ASP A 422 33.21 4.32 -11.53
N HIS A 423 33.48 3.50 -10.46
CA HIS A 423 33.56 1.97 -10.46
C HIS A 423 32.10 1.52 -10.64
N ILE A 424 31.16 2.12 -9.92
CA ILE A 424 29.78 1.69 -9.99
C ILE A 424 29.19 2.00 -11.36
N PHE A 425 29.40 3.18 -11.95
CA PHE A 425 28.83 3.44 -13.28
C PHE A 425 29.42 2.49 -14.31
N GLU A 426 30.70 2.14 -14.09
CA GLU A 426 31.39 1.25 -14.99
C GLU A 426 30.68 -0.11 -15.12
N ARG A 427 30.10 -0.66 -14.06
CA ARG A 427 29.34 -1.89 -14.14
C ARG A 427 28.21 -1.85 -15.16
N PHE A 428 27.68 -0.69 -15.53
CA PHE A 428 26.56 -0.54 -16.41
C PHE A 428 27.02 -0.33 -17.85
N GLU A 429 28.32 -0.19 -18.05
CA GLU A 429 28.82 0.16 -19.37
C GLU A 429 28.98 -1.09 -20.23
N LYS A 430 28.77 -0.95 -21.53
CA LYS A 430 29.43 -1.89 -22.49
C LYS A 430 28.60 -3.15 -22.59
N VAL B 2 7.46 -12.08 14.59
CA VAL B 2 6.16 -11.96 15.32
C VAL B 2 6.29 -11.75 16.83
N GLU B 3 7.02 -12.62 17.53
CA GLU B 3 7.08 -12.55 19.00
C GLU B 3 7.57 -11.20 19.51
N ARG B 4 8.51 -10.53 18.84
CA ARG B 4 8.69 -9.10 18.86
C ARG B 4 7.50 -8.26 19.33
N TYR B 5 6.28 -8.43 18.82
CA TYR B 5 5.18 -7.61 19.34
C TYR B 5 4.07 -8.33 20.05
N SER B 6 4.32 -9.55 20.49
CA SER B 6 3.18 -10.10 21.30
C SER B 6 3.36 -9.37 22.62
N LEU B 7 2.34 -8.69 23.11
CA LEU B 7 2.34 -8.06 24.42
C LEU B 7 1.20 -8.60 25.27
N SER B 8 1.43 -8.70 26.58
CA SER B 8 0.36 -9.10 27.49
C SER B 8 -0.59 -8.16 27.39
N PRO B 9 -1.85 -7.94 27.59
CA PRO B 9 -2.96 -9.10 27.85
C PRO B 9 -3.09 -9.78 26.50
N MET B 10 -2.80 -9.20 25.35
CA MET B 10 -3.29 -9.78 24.11
C MET B 10 -2.68 -11.16 23.84
N LYS B 11 -1.41 -11.35 24.10
CA LYS B 11 -0.75 -12.58 23.73
C LYS B 11 -1.19 -13.75 24.62
N ASP B 12 -1.61 -13.58 25.85
CA ASP B 12 -2.22 -14.59 26.68
C ASP B 12 -3.50 -15.16 26.10
N LEU B 13 -4.24 -14.38 25.30
CA LEU B 13 -5.36 -14.93 24.57
C LEU B 13 -5.06 -16.05 23.61
N TRP B 14 -3.88 -16.06 22.99
CA TRP B 14 -3.66 -16.91 21.83
C TRP B 14 -2.72 -18.07 22.11
N THR B 15 -2.50 -18.48 23.35
CA THR B 15 -1.76 -19.73 23.57
C THR B 15 -2.65 -20.96 23.37
N GLU B 16 -2.07 -22.16 23.25
CA GLU B 16 -2.87 -23.37 23.18
C GLU B 16 -3.69 -23.64 24.44
N GLU B 17 -3.14 -23.45 25.63
CA GLU B 17 -3.89 -23.45 26.85
C GLU B 17 -5.11 -22.54 26.82
N ALA B 18 -4.98 -21.27 26.39
CA ALA B 18 -6.12 -20.37 26.40
C ALA B 18 -7.21 -20.93 25.50
N LYS B 19 -6.85 -21.53 24.38
CA LYS B 19 -7.80 -22.07 23.44
C LYS B 19 -8.60 -23.25 24.01
N TYR B 20 -7.87 -24.24 24.55
CA TYR B 20 -8.51 -25.35 25.23
C TYR B 20 -9.39 -24.87 26.38
N ARG B 21 -8.98 -23.86 27.15
CA ARG B 21 -9.86 -23.33 28.18
C ARG B 21 -11.13 -22.72 27.59
N ARG B 22 -11.02 -22.05 26.42
CA ARG B 22 -12.26 -21.57 25.78
C ARG B 22 -13.16 -22.72 25.37
N TRP B 23 -12.61 -23.80 24.81
CA TRP B 23 -13.41 -24.96 24.46
C TRP B 23 -14.13 -25.59 25.65
N LEU B 24 -13.44 -25.71 26.79
CA LEU B 24 -14.05 -26.16 28.03
C LEU B 24 -15.14 -25.21 28.48
N GLU B 25 -14.92 -23.90 28.46
CA GLU B 25 -15.92 -22.90 28.79
C GLU B 25 -17.21 -23.10 27.99
N VAL B 26 -17.06 -23.32 26.68
CA VAL B 26 -18.20 -23.57 25.81
C VAL B 26 -18.92 -24.85 26.24
N GLU B 27 -18.14 -25.93 26.42
CA GLU B 27 -18.69 -27.22 26.79
C GLU B 27 -19.44 -27.14 28.13
N LEU B 28 -18.89 -26.44 29.10
CA LEU B 28 -19.55 -26.21 30.37
C LEU B 28 -20.78 -25.34 30.28
N ALA B 29 -20.81 -24.35 29.41
CA ALA B 29 -22.04 -23.57 29.22
C ALA B 29 -23.11 -24.48 28.65
N VAL B 30 -22.72 -25.34 27.69
CA VAL B 30 -23.71 -26.25 27.11
C VAL B 30 -24.21 -27.29 28.12
N THR B 31 -23.36 -27.97 28.91
CA THR B 31 -23.95 -28.88 29.90
C THR B 31 -24.81 -28.08 30.89
N ARG B 32 -24.39 -26.89 31.31
CA ARG B 32 -25.19 -26.07 32.21
C ARG B 32 -26.57 -25.79 31.62
N ALA B 33 -26.68 -25.46 30.36
CA ALA B 33 -27.92 -25.13 29.69
C ALA B 33 -28.84 -26.37 29.68
N TYR B 34 -28.33 -27.53 29.26
CA TYR B 34 -29.10 -28.75 29.36
C TYR B 34 -29.63 -29.03 30.78
N GLU B 35 -28.75 -28.87 31.77
CA GLU B 35 -29.09 -29.21 33.15
C GLU B 35 -30.13 -28.23 33.67
N GLU B 36 -30.01 -26.94 33.40
CA GLU B 36 -31.00 -25.95 33.81
C GLU B 36 -32.35 -26.11 33.15
N LEU B 37 -32.35 -26.69 31.95
CA LEU B 37 -33.55 -27.09 31.25
C LEU B 37 -34.13 -28.45 31.70
N GLY B 38 -33.52 -29.18 32.62
CA GLY B 38 -34.04 -30.44 33.10
C GLY B 38 -33.74 -31.58 32.15
N MET B 39 -32.77 -31.40 31.25
CA MET B 39 -32.56 -32.41 30.21
C MET B 39 -31.48 -33.38 30.57
N ILE B 40 -30.56 -33.06 31.46
CA ILE B 40 -29.59 -34.02 32.00
C ILE B 40 -29.69 -33.89 33.51
N PRO B 41 -29.27 -34.84 34.33
CA PRO B 41 -29.48 -34.81 35.77
C PRO B 41 -28.83 -33.62 36.45
N LYS B 42 -29.34 -33.22 37.60
CA LYS B 42 -28.75 -32.17 38.41
C LYS B 42 -27.35 -32.60 38.87
N GLY B 43 -26.37 -31.70 38.91
CA GLY B 43 -25.05 -32.09 39.40
C GLY B 43 -24.02 -32.38 38.32
N VAL B 44 -24.46 -32.69 37.10
CA VAL B 44 -23.51 -32.99 36.04
C VAL B 44 -22.49 -31.87 35.83
N THR B 45 -22.90 -30.63 35.67
CA THR B 45 -21.97 -29.55 35.33
C THR B 45 -20.92 -29.36 36.41
N GLU B 46 -21.34 -29.29 37.67
CA GLU B 46 -20.44 -29.04 38.79
C GLU B 46 -19.37 -30.12 38.80
N ARG B 47 -19.74 -31.38 38.70
CA ARG B 47 -18.78 -32.46 38.61
C ARG B 47 -17.86 -32.44 37.42
N ILE B 48 -18.35 -32.18 36.21
CA ILE B 48 -17.44 -31.92 35.10
C ILE B 48 -16.57 -30.70 35.36
N ARG B 49 -17.09 -29.64 35.95
CA ARG B 49 -16.21 -28.51 36.28
C ARG B 49 -15.10 -28.91 37.24
N ASN B 50 -15.36 -29.77 38.22
CA ASN B 50 -14.37 -30.13 39.21
C ASN B 50 -13.31 -31.09 38.65
N ASN B 51 -13.69 -31.91 37.66
CA ASN B 51 -12.82 -32.98 37.22
C ASN B 51 -12.14 -32.70 35.87
N ALA B 52 -12.64 -31.76 35.07
CA ALA B 52 -12.06 -31.51 33.75
C ALA B 52 -10.85 -30.61 33.91
N LYS B 53 -9.68 -31.08 33.50
CA LYS B 53 -8.47 -30.27 33.62
C LYS B 53 -7.99 -29.98 32.20
N ILE B 54 -7.38 -28.81 32.04
CA ILE B 54 -6.69 -28.52 30.78
C ILE B 54 -5.31 -29.17 30.84
N ASP B 55 -5.13 -30.16 29.99
CA ASP B 55 -3.83 -30.83 29.90
C ASP B 55 -3.43 -30.87 28.44
N VAL B 56 -2.63 -29.92 27.99
CA VAL B 56 -2.27 -29.64 26.65
C VAL B 56 -1.53 -30.82 26.08
N GLU B 57 -0.54 -31.34 26.82
CA GLU B 57 0.22 -32.50 26.32
C GLU B 57 -0.70 -33.70 26.12
N LEU B 58 -1.61 -33.98 27.07
CA LEU B 58 -2.54 -35.09 26.83
C LEU B 58 -3.36 -34.89 25.57
N PHE B 59 -4.01 -33.73 25.40
CA PHE B 59 -4.81 -33.51 24.20
C PHE B 59 -3.94 -33.66 22.95
N LYS B 60 -2.73 -33.10 22.91
CA LYS B 60 -1.84 -33.25 21.75
C LYS B 60 -1.41 -34.69 21.53
N LYS B 61 -1.11 -35.45 22.57
CA LYS B 61 -0.86 -36.89 22.39
C LYS B 61 -2.08 -37.56 21.80
N ILE B 62 -3.30 -37.29 22.29
CA ILE B 62 -4.48 -37.97 21.73
C ILE B 62 -4.69 -37.55 20.28
N GLU B 63 -4.39 -36.31 19.97
CA GLU B 63 -4.51 -35.79 18.62
C GLU B 63 -3.56 -36.44 17.62
N GLU B 64 -2.37 -36.85 18.09
CA GLU B 64 -1.48 -37.67 17.26
C GLU B 64 -2.26 -38.88 16.74
N LYS B 65 -3.00 -39.58 17.61
CA LYS B 65 -3.77 -40.73 17.14
C LYS B 65 -5.06 -40.35 16.42
N THR B 66 -5.72 -39.31 16.88
CA THR B 66 -7.08 -38.99 16.45
C THR B 66 -7.04 -38.23 15.13
N ASN B 67 -5.96 -37.49 14.88
CA ASN B 67 -5.86 -36.52 13.82
C ASN B 67 -6.95 -35.46 13.76
N HIS B 68 -7.52 -35.04 14.88
CA HIS B 68 -8.65 -34.11 14.91
C HIS B 68 -8.62 -33.38 16.23
N ASP B 69 -8.47 -32.08 16.20
CA ASP B 69 -8.22 -31.30 17.40
C ASP B 69 -9.38 -31.42 18.39
N VAL B 70 -10.64 -31.28 17.97
CA VAL B 70 -11.64 -31.17 19.06
C VAL B 70 -12.02 -32.58 19.51
N VAL B 71 -12.01 -33.56 18.61
CA VAL B 71 -12.25 -34.93 19.07
C VAL B 71 -11.22 -35.34 20.12
N ALA B 72 -9.92 -35.10 19.88
CA ALA B 72 -8.91 -35.39 20.90
C ALA B 72 -9.24 -34.71 22.23
N PHE B 73 -9.58 -33.42 22.20
CA PHE B 73 -10.03 -32.71 23.40
C PHE B 73 -11.20 -33.39 24.07
N VAL B 74 -12.25 -33.72 23.31
CA VAL B 74 -13.44 -34.35 23.87
C VAL B 74 -13.11 -35.69 24.52
N GLU B 75 -12.30 -36.56 23.90
CA GLU B 75 -11.80 -37.74 24.57
C GLU B 75 -10.88 -37.48 25.77
N GLY B 76 -9.98 -36.50 25.69
CA GLY B 76 -9.12 -36.20 26.81
C GLY B 76 -9.99 -35.86 27.99
N ILE B 77 -10.94 -34.94 27.78
CA ILE B 77 -11.84 -34.55 28.88
C ILE B 77 -12.66 -35.77 29.30
N GLY B 78 -13.11 -36.56 28.34
CA GLY B 78 -13.81 -37.82 28.64
C GLY B 78 -13.10 -38.66 29.67
N SER B 79 -11.81 -38.96 29.51
CA SER B 79 -11.01 -39.71 30.44
C SER B 79 -10.90 -39.09 31.81
N MET B 80 -11.22 -37.82 32.06
CA MET B 80 -11.25 -37.31 33.42
C MET B 80 -12.61 -37.28 34.07
N ILE B 81 -13.70 -37.53 33.35
CA ILE B 81 -15.00 -37.07 33.89
C ILE B 81 -15.94 -38.27 34.04
N GLY B 82 -15.42 -39.44 33.69
CA GLY B 82 -16.03 -40.73 34.03
C GLY B 82 -17.40 -40.83 33.39
N GLU B 83 -18.42 -41.20 34.15
CA GLU B 83 -19.78 -41.36 33.67
C GLU B 83 -20.37 -40.10 33.06
N ASP B 84 -20.02 -38.92 33.57
CA ASP B 84 -20.55 -37.67 33.06
C ASP B 84 -20.27 -37.43 31.59
N SER B 85 -19.36 -38.16 30.95
CA SER B 85 -19.09 -38.02 29.54
C SER B 85 -20.27 -38.31 28.64
N ARG B 86 -21.27 -39.09 29.01
CA ARG B 86 -22.54 -39.19 28.34
C ARG B 86 -23.16 -37.82 28.00
N PHE B 87 -23.01 -36.83 28.85
CA PHE B 87 -23.70 -35.56 28.75
C PHE B 87 -22.79 -34.43 28.24
N PHE B 88 -21.56 -34.77 27.88
CA PHE B 88 -20.53 -33.83 27.50
C PHE B 88 -20.49 -33.76 25.98
N HIS B 89 -20.50 -32.56 25.40
CA HIS B 89 -20.39 -32.48 23.93
C HIS B 89 -21.55 -33.21 23.30
N TYR B 90 -22.75 -32.94 23.83
CA TYR B 90 -23.89 -33.77 23.50
C TYR B 90 -24.72 -33.15 22.40
N GLY B 91 -24.71 -33.82 21.24
CA GLY B 91 -25.35 -33.28 20.07
C GLY B 91 -24.52 -32.28 19.29
N LEU B 92 -23.37 -31.83 19.74
CA LEU B 92 -22.62 -30.74 19.15
C LEU B 92 -21.87 -31.18 17.90
N THR B 93 -21.62 -30.26 16.99
CA THR B 93 -20.60 -30.48 15.96
C THR B 93 -19.33 -29.77 16.39
N SER B 94 -18.17 -30.13 15.83
CA SER B 94 -16.94 -29.49 16.28
C SER B 94 -16.97 -27.97 16.17
N SER B 95 -17.51 -27.44 15.07
CA SER B 95 -17.58 -26.01 14.86
C SER B 95 -18.52 -25.30 15.84
N ASP B 96 -19.50 -25.95 16.48
CA ASP B 96 -20.10 -25.28 17.64
C ASP B 96 -19.09 -24.82 18.68
N VAL B 97 -18.14 -25.66 19.06
CA VAL B 97 -17.07 -25.31 19.97
C VAL B 97 -16.05 -24.35 19.35
N LEU B 98 -15.50 -24.68 18.19
CA LEU B 98 -14.52 -23.85 17.51
C LEU B 98 -14.97 -22.42 17.29
N ASP B 99 -16.14 -22.25 16.70
CA ASP B 99 -16.55 -20.90 16.29
C ASP B 99 -17.06 -20.13 17.51
N THR B 100 -17.72 -20.80 18.44
CA THR B 100 -18.12 -20.09 19.69
C THR B 100 -16.86 -19.67 20.45
N ALA B 101 -15.87 -20.54 20.53
CA ALA B 101 -14.59 -20.18 21.16
C ALA B 101 -13.87 -19.03 20.47
N ASN B 102 -13.84 -19.00 19.13
CA ASN B 102 -13.32 -17.81 18.45
C ASN B 102 -14.16 -16.57 18.62
N SER B 103 -15.49 -16.59 18.72
CA SER B 103 -16.21 -15.40 19.13
C SER B 103 -15.71 -14.91 20.50
N LEU B 104 -15.59 -15.83 21.48
CA LEU B 104 -15.10 -15.44 22.79
C LEU B 104 -13.77 -14.73 22.63
N ALA B 105 -12.90 -15.23 21.80
CA ALA B 105 -11.52 -14.71 21.73
C ALA B 105 -11.51 -13.36 21.04
N LEU B 106 -12.30 -13.24 19.95
CA LEU B 106 -12.32 -12.00 19.20
C LEU B 106 -13.06 -10.90 19.95
N VAL B 107 -14.10 -11.22 20.71
CA VAL B 107 -14.79 -10.26 21.54
C VAL B 107 -13.82 -9.75 22.63
N GLU B 108 -13.20 -10.66 23.36
CA GLU B 108 -12.19 -10.28 24.34
C GLU B 108 -11.01 -9.52 23.71
N ALA B 109 -10.46 -9.98 22.58
CA ALA B 109 -9.39 -9.25 21.90
C ALA B 109 -9.95 -7.87 21.53
N GLY B 110 -11.23 -7.82 21.13
CA GLY B 110 -11.82 -6.54 20.69
C GLY B 110 -11.83 -5.64 21.93
N LYS B 111 -12.17 -6.17 23.09
CA LYS B 111 -12.23 -5.33 24.29
C LYS B 111 -10.86 -4.83 24.73
N ILE B 112 -9.84 -5.67 24.64
CA ILE B 112 -8.47 -5.22 24.95
C ILE B 112 -8.05 -4.09 24.01
N LEU B 113 -8.46 -4.27 22.75
CA LEU B 113 -8.06 -3.32 21.69
C LEU B 113 -8.78 -2.00 21.94
N LEU B 114 -10.05 -2.07 22.33
CA LEU B 114 -10.91 -0.93 22.58
C LEU B 114 -10.42 -0.11 23.79
N GLU B 115 -10.09 -0.77 24.88
CA GLU B 115 -9.50 -0.05 26.02
C GLU B 115 -8.20 0.68 25.66
N SER B 116 -7.31 0.03 24.93
CA SER B 116 -6.03 0.69 24.59
C SER B 116 -6.34 1.81 23.59
N LEU B 117 -7.34 1.63 22.73
CA LEU B 117 -7.71 2.69 21.78
C LEU B 117 -8.24 3.92 22.51
N LYS B 118 -9.17 3.69 23.47
CA LYS B 118 -9.66 4.80 24.28
C LYS B 118 -8.55 5.58 24.98
N GLU B 119 -7.61 4.83 25.54
CA GLU B 119 -6.39 5.40 26.06
C GLU B 119 -5.58 6.16 25.01
N PHE B 120 -5.52 5.69 23.77
CA PHE B 120 -4.81 6.50 22.74
C PHE B 120 -5.56 7.81 22.52
N CYS B 121 -6.90 7.77 22.54
CA CYS B 121 -7.70 8.96 22.36
C CYS B 121 -7.44 9.99 23.46
N ASP B 122 -7.30 9.52 24.70
CA ASP B 122 -7.04 10.44 25.82
C ASP B 122 -5.69 11.11 25.66
N VAL B 123 -4.65 10.37 25.31
CA VAL B 123 -3.35 10.98 25.04
C VAL B 123 -3.42 11.95 23.89
N LEU B 124 -4.12 11.64 22.79
CA LEU B 124 -4.20 12.54 21.64
C LEU B 124 -4.94 13.84 22.02
N TRP B 125 -6.02 13.69 22.79
CA TRP B 125 -6.76 14.87 23.28
C TRP B 125 -5.88 15.77 24.15
N GLU B 126 -5.11 15.17 25.04
CA GLU B 126 -4.17 15.91 25.89
C GLU B 126 -3.10 16.62 25.08
N VAL B 127 -2.48 15.92 24.10
CA VAL B 127 -1.45 16.53 23.29
C VAL B 127 -2.05 17.60 22.38
N ALA B 128 -3.27 17.40 21.85
CA ALA B 128 -3.86 18.44 21.03
C ALA B 128 -4.16 19.68 21.86
N ASN B 129 -4.63 19.53 23.09
CA ASN B 129 -4.94 20.73 23.90
C ASN B 129 -3.66 21.42 24.35
N ARG B 130 -2.59 20.68 24.61
CA ARG B 130 -1.30 21.27 24.95
C ARG B 130 -0.76 22.20 23.86
N TYR B 131 -0.88 21.80 22.58
CA TYR B 131 -0.39 22.61 21.48
C TYR B 131 -1.54 23.30 20.76
N LYS B 132 -2.69 23.48 21.41
CA LYS B 132 -3.87 24.06 20.77
C LYS B 132 -3.52 25.30 19.97
N HIS B 133 -2.74 26.20 20.59
CA HIS B 133 -2.43 27.45 19.88
C HIS B 133 -0.99 27.47 19.38
N THR B 134 -0.29 26.35 19.29
CA THR B 134 1.10 26.38 18.77
C THR B 134 1.06 26.58 17.27
N PRO B 135 1.58 27.67 16.73
CA PRO B 135 1.67 27.90 15.31
C PRO B 135 2.57 26.86 14.62
N THR B 136 2.13 26.42 13.45
CA THR B 136 2.96 25.56 12.58
C THR B 136 2.52 25.86 11.16
N ILE B 137 3.32 25.48 10.17
CA ILE B 137 2.91 25.72 8.80
C ILE B 137 2.13 24.50 8.29
N GLY B 138 0.99 24.80 7.69
CA GLY B 138 0.19 23.79 7.01
C GLY B 138 0.84 23.40 5.68
N ARG B 139 0.78 22.13 5.30
CA ARG B 139 1.58 21.67 4.14
C ARG B 139 0.70 20.86 3.19
N THR B 140 0.64 21.27 1.92
CA THR B 140 -0.14 20.47 0.97
C THR B 140 0.79 20.07 -0.16
N HIS B 141 0.75 18.80 -0.59
CA HIS B 141 1.71 18.30 -1.58
C HIS B 141 3.15 18.41 -1.08
N GLY B 142 3.38 18.28 0.21
CA GLY B 142 4.63 18.54 0.90
C GLY B 142 5.14 19.98 0.76
N VAL B 143 4.33 20.96 0.41
CA VAL B 143 4.73 22.32 0.12
C VAL B 143 4.09 23.29 1.09
N HIS B 144 4.85 24.20 1.68
CA HIS B 144 4.24 25.19 2.60
C HIS B 144 2.98 25.77 1.97
N ALA B 145 1.87 25.75 2.69
CA ALA B 145 0.60 26.33 2.28
C ALA B 145 0.25 27.48 3.19
N GLU B 146 -0.52 27.30 4.26
CA GLU B 146 -0.91 28.43 5.13
C GLU B 146 -0.63 28.02 6.57
N PRO B 147 -0.44 28.99 7.46
CA PRO B 147 -0.30 28.71 8.88
C PRO B 147 -1.51 28.02 9.47
N THR B 148 -1.30 27.30 10.56
CA THR B 148 -2.26 26.49 11.23
C THR B 148 -1.69 26.22 12.62
N SER B 149 -2.38 25.41 13.41
CA SER B 149 -1.84 25.09 14.72
C SER B 149 -1.53 23.58 14.77
N PHE B 150 -0.46 23.26 15.50
CA PHE B 150 -0.05 21.88 15.69
C PHE B 150 -1.07 21.18 16.56
N GLY B 151 -1.73 21.82 17.54
CA GLY B 151 -2.81 21.11 18.23
C GLY B 151 -3.94 20.71 17.29
N LEU B 152 -4.35 21.55 16.35
CA LEU B 152 -5.35 21.17 15.35
C LEU B 152 -4.94 19.98 14.48
N LYS B 153 -3.71 19.91 14.01
CA LYS B 153 -3.22 18.66 13.40
C LYS B 153 -3.39 17.44 14.29
N VAL B 154 -2.97 17.52 15.57
CA VAL B 154 -3.19 16.36 16.45
C VAL B 154 -4.67 16.09 16.63
N LEU B 155 -5.51 17.13 16.68
CA LEU B 155 -6.97 16.93 16.85
C LEU B 155 -7.53 16.09 15.70
N GLY B 156 -6.96 16.23 14.48
CA GLY B 156 -7.46 15.49 13.33
C GLY B 156 -7.20 13.99 13.58
N TRP B 157 -6.07 13.68 14.22
CA TRP B 157 -5.74 12.31 14.61
C TRP B 157 -6.69 11.79 15.70
N TYR B 158 -6.89 12.63 16.71
CA TYR B 158 -7.87 12.38 17.75
C TYR B 158 -9.23 12.09 17.13
N SER B 159 -9.67 12.93 16.21
CA SER B 159 -10.96 12.77 15.55
C SER B 159 -11.03 11.45 14.83
N GLU B 160 -9.95 11.06 14.13
CA GLU B 160 -9.92 9.78 13.44
C GLU B 160 -9.97 8.60 14.42
N MET B 161 -9.21 8.66 15.53
CA MET B 161 -9.25 7.53 16.47
C MET B 161 -10.57 7.39 17.23
N LYS B 162 -11.27 8.53 17.50
CA LYS B 162 -12.63 8.41 18.02
C LYS B 162 -13.58 7.78 17.02
N ARG B 163 -13.45 8.06 15.70
CA ARG B 163 -14.29 7.33 14.75
C ARG B 163 -13.93 5.84 14.83
N ASN B 164 -12.66 5.53 15.10
CA ASN B 164 -12.27 4.12 15.23
C ASN B 164 -12.74 3.49 16.52
N VAL B 165 -12.84 4.16 17.66
CA VAL B 165 -13.51 3.62 18.84
C VAL B 165 -14.92 3.21 18.44
N GLN B 166 -15.71 4.06 17.78
CA GLN B 166 -17.08 3.62 17.47
C GLN B 166 -17.06 2.44 16.49
N ARG B 167 -16.17 2.42 15.50
CA ARG B 167 -16.02 1.32 14.58
C ARG B 167 -15.65 0.00 15.25
N LEU B 168 -14.73 0.09 16.20
CA LEU B 168 -14.33 -1.06 17.01
C LEU B 168 -15.46 -1.61 17.87
N GLU B 169 -16.28 -0.76 18.48
CA GLU B 169 -17.50 -1.19 19.16
C GLU B 169 -18.41 -1.96 18.20
N ARG B 170 -18.62 -1.53 16.96
CA ARG B 170 -19.48 -2.24 16.06
C ARG B 170 -18.85 -3.55 15.63
N ALA B 171 -17.54 -3.52 15.36
CA ALA B 171 -16.87 -4.79 15.08
C ALA B 171 -16.97 -5.79 16.24
N ILE B 172 -16.88 -5.38 17.49
CA ILE B 172 -17.11 -6.28 18.64
C ILE B 172 -18.53 -6.83 18.59
N GLU B 173 -19.50 -5.97 18.36
CA GLU B 173 -20.89 -6.43 18.20
C GLU B 173 -20.97 -7.47 17.10
N GLU B 174 -20.34 -7.20 15.93
CA GLU B 174 -20.48 -8.16 14.81
C GLU B 174 -20.01 -9.58 15.13
N VAL B 175 -19.04 -9.68 16.01
CA VAL B 175 -18.39 -10.95 16.28
C VAL B 175 -18.91 -11.61 17.55
N SER B 176 -19.92 -11.02 18.20
CA SER B 176 -20.49 -11.48 19.44
C SER B 176 -21.53 -12.59 19.30
N TYR B 177 -21.46 -13.37 18.26
CA TYR B 177 -22.40 -14.40 17.91
C TYR B 177 -21.67 -15.74 17.89
N GLY B 178 -22.22 -16.69 18.63
CA GLY B 178 -21.73 -18.06 18.52
C GLY B 178 -22.84 -18.93 17.91
N LYS B 179 -22.63 -20.21 17.99
CA LYS B 179 -23.59 -21.21 17.54
C LYS B 179 -23.45 -22.47 18.41
N ILE B 180 -24.61 -22.98 18.80
CA ILE B 180 -24.72 -24.30 19.43
C ILE B 180 -25.89 -25.00 18.71
N SER B 181 -25.67 -25.40 17.45
CA SER B 181 -26.77 -25.77 16.57
C SER B 181 -26.49 -27.09 15.86
N GLY B 182 -25.35 -27.69 16.10
CA GLY B 182 -25.09 -29.04 15.60
C GLY B 182 -24.77 -29.07 14.12
N ALA B 183 -24.74 -30.28 13.55
CA ALA B 183 -24.03 -30.55 12.31
C ALA B 183 -24.31 -29.57 11.20
N VAL B 184 -25.56 -29.32 10.80
CA VAL B 184 -25.80 -28.37 9.67
C VAL B 184 -26.66 -27.19 10.12
N GLY B 185 -26.67 -26.96 11.44
CA GLY B 185 -27.12 -25.68 11.95
C GLY B 185 -28.62 -25.60 12.24
N ASN B 186 -29.29 -26.74 12.20
CA ASN B 186 -30.75 -26.73 12.23
C ASN B 186 -31.30 -27.35 13.50
N TYR B 187 -30.46 -27.50 14.53
CA TYR B 187 -30.89 -27.98 15.84
C TYR B 187 -31.43 -29.40 15.81
N ALA B 188 -31.13 -30.19 14.78
CA ALA B 188 -31.60 -31.57 14.75
C ALA B 188 -31.08 -32.31 15.99
N ASN B 189 -29.82 -32.13 16.40
CA ASN B 189 -29.23 -32.91 17.46
C ASN B 189 -29.11 -32.18 18.80
N VAL B 190 -29.38 -30.88 18.83
CA VAL B 190 -29.27 -30.06 20.01
C VAL B 190 -30.28 -28.92 19.92
N PRO B 191 -31.20 -28.85 20.88
CA PRO B 191 -32.32 -27.90 20.85
C PRO B 191 -31.81 -26.48 20.91
N PRO B 192 -32.51 -25.56 20.26
CA PRO B 192 -32.17 -24.17 20.18
C PRO B 192 -32.30 -23.44 21.51
N GLU B 193 -33.04 -23.98 22.47
CA GLU B 193 -33.14 -23.46 23.83
C GLU B 193 -31.84 -23.71 24.57
N VAL B 194 -31.20 -24.84 24.30
CA VAL B 194 -29.86 -25.07 24.84
C VAL B 194 -28.88 -24.04 24.31
N GLU B 195 -28.86 -23.78 23.01
CA GLU B 195 -28.05 -22.75 22.40
C GLU B 195 -28.25 -21.37 23.06
N GLU B 196 -29.52 -20.99 23.17
CA GLU B 196 -29.81 -19.66 23.70
C GLU B 196 -29.33 -19.52 25.14
N LYS B 197 -29.52 -20.54 25.99
CA LYS B 197 -29.06 -20.43 27.35
C LYS B 197 -27.52 -20.49 27.38
N ALA B 198 -26.94 -21.47 26.71
CA ALA B 198 -25.49 -21.64 26.75
C ALA B 198 -24.77 -20.38 26.28
N LEU B 199 -25.21 -19.76 25.18
CA LEU B 199 -24.53 -18.54 24.73
C LEU B 199 -24.81 -17.34 25.63
N SER B 200 -26.02 -17.17 26.20
CA SER B 200 -26.16 -16.06 27.14
C SER B 200 -25.22 -16.22 28.33
N TYR B 201 -24.93 -17.40 28.87
CA TYR B 201 -23.91 -17.49 29.92
C TYR B 201 -22.53 -17.05 29.46
N LEU B 202 -22.18 -17.19 28.19
CA LEU B 202 -20.90 -16.74 27.68
C LEU B 202 -20.90 -15.27 27.29
N GLY B 203 -22.06 -14.58 27.38
CA GLY B 203 -22.05 -13.16 26.99
C GLY B 203 -22.19 -13.07 25.46
N LEU B 204 -22.64 -14.12 24.78
CA LEU B 204 -22.75 -14.11 23.32
C LEU B 204 -24.19 -14.23 22.87
N LYS B 205 -24.48 -13.96 21.61
CA LYS B 205 -25.80 -14.17 21.07
C LYS B 205 -25.76 -15.31 20.07
N PRO B 206 -26.90 -15.94 19.92
CA PRO B 206 -27.06 -16.98 18.93
C PRO B 206 -27.01 -16.42 17.50
N GLU B 207 -26.17 -16.98 16.62
CA GLU B 207 -26.33 -16.70 15.20
C GLU B 207 -27.79 -17.03 14.85
N PRO B 208 -28.56 -16.12 14.30
CA PRO B 208 -29.98 -16.34 14.11
C PRO B 208 -30.26 -17.53 13.20
N VAL B 209 -29.53 -17.69 12.10
CA VAL B 209 -29.47 -18.93 11.37
C VAL B 209 -27.97 -19.24 11.10
N SER B 210 -27.49 -20.36 11.59
CA SER B 210 -26.13 -20.79 11.24
C SER B 210 -26.20 -22.02 10.33
N THR B 211 -25.08 -22.33 9.69
CA THR B 211 -24.96 -23.61 8.96
C THR B 211 -24.17 -24.51 9.88
N GLN B 212 -23.22 -25.29 9.38
CA GLN B 212 -22.24 -25.91 10.29
C GLN B 212 -21.37 -24.87 10.99
N VAL B 213 -21.36 -23.65 10.49
CA VAL B 213 -20.36 -22.64 10.95
C VAL B 213 -21.01 -21.29 11.16
N VAL B 214 -20.45 -20.42 11.99
CA VAL B 214 -20.77 -19.00 12.01
C VAL B 214 -20.36 -18.40 10.66
N PRO B 215 -21.24 -17.67 10.00
CA PRO B 215 -20.95 -17.07 8.71
C PRO B 215 -19.74 -16.18 8.76
N ARG B 216 -18.86 -16.23 7.75
CA ARG B 216 -17.55 -15.58 7.84
C ARG B 216 -17.54 -14.12 7.44
N ASP B 217 -18.68 -13.57 7.01
CA ASP B 217 -18.77 -12.13 6.77
C ASP B 217 -18.57 -11.32 8.06
N ARG B 218 -18.90 -11.84 9.24
CA ARG B 218 -18.73 -11.14 10.50
C ARG B 218 -17.24 -10.97 10.77
N HIS B 219 -16.50 -12.06 10.57
CA HIS B 219 -15.03 -11.98 10.82
C HIS B 219 -14.34 -11.03 9.84
N ALA B 220 -14.77 -11.02 8.59
CA ALA B 220 -14.21 -10.14 7.58
C ALA B 220 -14.52 -8.65 7.91
N PHE B 221 -15.67 -8.38 8.45
CA PHE B 221 -16.04 -7.07 8.91
C PHE B 221 -15.13 -6.60 10.03
N TYR B 222 -14.85 -7.47 10.99
CA TYR B 222 -14.03 -7.17 12.15
C TYR B 222 -12.63 -6.85 11.66
N LEU B 223 -12.10 -7.72 10.81
CA LEU B 223 -10.75 -7.58 10.34
C LEU B 223 -10.62 -6.37 9.40
N SER B 224 -11.62 -6.12 8.53
CA SER B 224 -11.60 -4.85 7.78
C SER B 224 -11.55 -3.66 8.72
N THR B 225 -12.36 -3.64 9.81
CA THR B 225 -12.25 -2.57 10.78
C THR B 225 -10.84 -2.48 11.39
N LEU B 226 -10.24 -3.61 11.74
CA LEU B 226 -8.87 -3.56 12.29
C LEU B 226 -7.90 -2.93 11.31
N ALA B 227 -8.07 -3.20 10.01
CA ALA B 227 -7.08 -2.68 9.04
C ALA B 227 -7.24 -1.15 8.95
N ILE B 228 -8.48 -0.66 9.07
CA ILE B 228 -8.71 0.78 9.01
C ILE B 228 -8.15 1.49 10.25
N VAL B 229 -8.30 0.89 11.45
CA VAL B 229 -7.64 1.47 12.62
C VAL B 229 -6.14 1.58 12.37
N ALA B 230 -5.51 0.56 11.81
CA ALA B 230 -4.07 0.52 11.62
C ALA B 230 -3.61 1.58 10.62
N ALA B 231 -4.40 1.87 9.61
CA ALA B 231 -4.05 2.85 8.57
C ALA B 231 -4.11 4.27 9.12
N GLY B 232 -4.97 4.55 10.09
CA GLY B 232 -4.94 5.81 10.81
C GLY B 232 -3.66 5.93 11.63
N ILE B 233 -3.20 4.80 12.22
CA ILE B 233 -1.96 4.86 13.00
C ILE B 233 -0.80 5.08 12.02
N GLU B 234 -0.92 4.41 10.85
CA GLU B 234 0.00 4.67 9.75
C GLU B 234 0.02 6.14 9.34
N ARG B 235 -1.08 6.85 9.24
CA ARG B 235 -1.08 8.28 8.91
C ARG B 235 -0.31 9.10 9.94
N ILE B 236 -0.49 8.74 11.21
CA ILE B 236 0.23 9.45 12.28
C ILE B 236 1.71 9.16 12.14
N ALA B 237 2.07 7.90 11.93
CA ALA B 237 3.47 7.47 11.90
C ALA B 237 4.18 8.15 10.73
N VAL B 238 3.53 8.26 9.57
CA VAL B 238 4.16 8.92 8.43
C VAL B 238 4.36 10.42 8.74
N GLU B 239 3.40 11.12 9.33
CA GLU B 239 3.56 12.49 9.73
C GLU B 239 4.82 12.73 10.57
N ILE B 240 4.97 11.95 11.61
CA ILE B 240 6.15 12.05 12.48
C ILE B 240 7.40 11.73 11.70
N ARG B 241 7.42 10.70 10.82
CA ARG B 241 8.63 10.52 9.99
C ARG B 241 8.97 11.79 9.19
N HIS B 242 7.99 12.43 8.56
CA HIS B 242 8.25 13.65 7.82
C HIS B 242 8.76 14.72 8.81
N LEU B 243 8.14 14.80 10.00
CA LEU B 243 8.45 15.93 10.87
C LEU B 243 9.79 15.71 11.53
N GLN B 244 10.30 14.49 11.63
CA GLN B 244 11.61 14.27 12.23
C GLN B 244 12.73 14.31 11.20
N ARG B 245 12.44 14.43 9.91
CA ARG B 245 13.53 14.52 8.94
C ARG B 245 14.39 15.76 9.26
N THR B 246 15.67 15.69 8.83
CA THR B 246 16.69 16.66 9.19
C THR B 246 16.40 18.09 8.72
N GLU B 247 15.74 18.27 7.57
CA GLU B 247 15.39 19.61 7.11
C GLU B 247 14.15 20.15 7.81
N VAL B 248 13.44 19.39 8.65
CA VAL B 248 12.20 19.85 9.26
C VAL B 248 12.39 19.97 10.77
N LEU B 249 12.73 18.92 11.50
CA LEU B 249 12.99 18.90 12.92
C LEU B 249 11.88 19.51 13.79
N GLU B 250 10.62 19.23 13.48
CA GLU B 250 9.53 19.77 14.31
C GLU B 250 9.17 18.83 15.44
N VAL B 251 9.40 17.52 15.28
CA VAL B 251 8.91 16.53 16.27
C VAL B 251 9.98 15.45 16.35
N GLU B 252 10.13 14.82 17.52
CA GLU B 252 11.05 13.70 17.64
C GLU B 252 10.41 12.58 18.43
N GLU B 253 10.24 11.41 17.82
CA GLU B 253 9.72 10.25 18.54
C GLU B 253 10.64 9.88 19.70
N PRO B 254 10.05 9.37 20.78
CA PRO B 254 10.78 8.97 21.96
C PRO B 254 11.80 7.88 21.65
N PHE B 255 12.87 7.84 22.43
CA PHE B 255 13.93 6.86 22.16
C PHE B 255 14.60 6.33 23.41
N ARG B 256 15.25 5.18 23.28
CA ARG B 256 16.05 4.50 24.27
C ARG B 256 15.14 3.80 25.28
N SER B 263 24.33 9.13 26.11
CA SER B 263 23.44 10.12 25.42
C SER B 263 23.65 10.09 23.91
N ALA B 264 22.53 10.02 23.19
CA ALA B 264 22.52 9.86 21.75
C ALA B 264 23.04 11.07 20.98
N MET B 265 23.55 10.77 19.79
CA MET B 265 23.98 11.79 18.84
C MET B 265 22.75 12.60 18.42
N PRO B 266 22.80 13.92 18.53
CA PRO B 266 21.66 14.75 18.22
C PRO B 266 21.25 14.70 16.77
N HIS B 267 22.22 14.52 15.87
CA HIS B 267 21.91 14.46 14.44
C HIS B 267 21.53 13.08 13.92
N LYS B 268 21.52 12.05 14.76
CA LYS B 268 21.21 10.70 14.30
C LYS B 268 19.93 10.16 14.93
N LYS B 269 18.93 10.98 15.16
CA LYS B 269 17.68 10.50 15.73
C LYS B 269 16.75 10.04 14.60
N ASN B 270 16.66 8.74 14.44
CA ASN B 270 15.88 8.14 13.38
C ASN B 270 14.48 7.72 13.84
N PRO B 271 13.46 8.01 13.06
CA PRO B 271 12.09 7.66 13.39
C PRO B 271 11.78 6.19 13.09
N ILE B 272 12.40 5.31 13.81
CA ILE B 272 12.48 3.85 13.70
C ILE B 272 11.17 3.21 14.14
N THR B 273 10.58 3.78 15.21
CA THR B 273 9.33 3.21 15.74
C THR B 273 8.21 3.46 14.74
N CYS B 274 8.13 4.67 14.20
CA CYS B 274 7.08 5.06 13.27
C CYS B 274 7.26 4.36 11.92
N GLU B 275 8.49 4.13 11.49
CA GLU B 275 8.72 3.26 10.35
C GLU B 275 8.23 1.86 10.57
N ARG B 276 8.49 1.30 11.75
CA ARG B 276 7.95 0.00 12.14
C ARG B 276 6.42 0.06 12.09
N LEU B 277 5.79 1.11 12.63
CA LEU B 277 4.33 1.21 12.62
C LEU B 277 3.80 1.18 11.20
N THR B 278 4.48 1.84 10.28
CA THR B 278 4.04 1.88 8.91
C THR B 278 4.07 0.48 8.29
N GLY B 279 5.15 -0.26 8.54
CA GLY B 279 5.23 -1.65 8.08
C GLY B 279 4.18 -2.57 8.69
N LEU B 280 3.85 -2.42 9.97
CA LEU B 280 2.81 -3.23 10.60
C LEU B 280 1.43 -2.91 10.02
N SER B 281 1.16 -1.65 9.64
CA SER B 281 -0.08 -1.31 8.98
C SER B 281 -0.19 -2.07 7.65
N ARG B 282 0.90 -2.22 6.91
CA ARG B 282 0.91 -3.00 5.66
C ARG B 282 0.48 -4.46 5.90
N MET B 283 0.86 -5.06 7.01
CA MET B 283 0.45 -6.41 7.38
C MET B 283 -1.05 -6.45 7.75
N MET B 284 -1.52 -5.46 8.52
CA MET B 284 -2.92 -5.43 8.92
C MET B 284 -3.85 -5.33 7.72
N ARG B 285 -3.50 -4.45 6.75
CA ARG B 285 -4.35 -4.44 5.56
C ARG B 285 -4.15 -5.67 4.69
N ALA B 286 -3.04 -6.37 4.75
CA ALA B 286 -2.81 -7.61 4.06
C ALA B 286 -3.78 -8.69 4.53
N TYR B 287 -4.11 -8.72 5.82
CA TYR B 287 -5.11 -9.73 6.25
C TYR B 287 -6.52 -9.52 5.77
N VAL B 288 -6.89 -8.40 5.15
CA VAL B 288 -8.30 -8.15 4.79
C VAL B 288 -8.75 -9.04 3.65
N ASP B 289 -7.98 -9.13 2.58
CA ASP B 289 -8.29 -9.96 1.44
C ASP B 289 -8.54 -11.43 1.67
N PRO B 290 -7.70 -12.15 2.40
CA PRO B 290 -7.97 -13.51 2.79
C PRO B 290 -9.21 -13.64 3.64
N SER B 291 -9.48 -12.69 4.55
CA SER B 291 -10.75 -12.76 5.30
C SER B 291 -11.98 -12.60 4.41
N LEU B 292 -11.98 -11.74 3.42
CA LEU B 292 -13.08 -11.59 2.48
C LEU B 292 -13.29 -12.82 1.61
N GLU B 293 -12.31 -13.56 1.09
CA GLU B 293 -12.65 -14.79 0.34
C GLU B 293 -12.78 -16.00 1.23
N ASN B 294 -12.60 -15.90 2.56
CA ASN B 294 -13.16 -16.84 3.52
C ASN B 294 -14.69 -16.82 3.48
N ILE B 295 -15.29 -15.75 2.96
CA ILE B 295 -16.75 -15.62 3.08
C ILE B 295 -17.43 -16.70 2.24
N ALA B 296 -17.07 -16.91 1.00
CA ALA B 296 -17.77 -17.82 0.11
C ALA B 296 -17.44 -19.29 0.33
N LEU B 297 -17.76 -19.81 1.52
CA LEU B 297 -17.66 -21.22 1.83
C LEU B 297 -18.74 -21.97 1.06
N TRP B 298 -18.43 -23.20 0.73
CA TRP B 298 -19.25 -24.06 -0.11
C TRP B 298 -20.38 -24.64 0.78
N HIS B 299 -21.61 -24.51 0.34
CA HIS B 299 -22.75 -25.08 1.04
C HIS B 299 -22.75 -24.75 2.53
N GLU B 300 -22.80 -25.79 3.37
CA GLU B 300 -23.03 -25.61 4.79
C GLU B 300 -21.70 -25.59 5.54
N ARG B 301 -20.61 -25.68 4.77
CA ARG B 301 -19.30 -25.13 5.10
C ARG B 301 -18.24 -25.95 4.33
N ASP B 302 -17.12 -25.26 4.05
CA ASP B 302 -15.89 -26.06 3.82
C ASP B 302 -14.87 -25.58 4.86
N ILE B 303 -13.73 -26.24 5.06
CA ILE B 303 -12.84 -25.81 6.14
C ILE B 303 -11.68 -24.99 5.63
N SER B 304 -11.71 -24.45 4.40
CA SER B 304 -10.58 -23.64 3.90
C SER B 304 -10.28 -22.45 4.78
N HIS B 305 -11.27 -21.85 5.46
CA HIS B 305 -11.06 -20.68 6.31
C HIS B 305 -10.22 -20.92 7.56
N SER B 306 -10.17 -22.17 8.03
CA SER B 306 -9.55 -22.53 9.29
C SER B 306 -8.05 -22.22 9.30
N SER B 307 -7.40 -22.70 8.23
CA SER B 307 -5.97 -22.39 8.11
C SER B 307 -5.69 -20.90 8.00
N VAL B 308 -6.43 -20.14 7.23
CA VAL B 308 -6.31 -18.69 7.21
C VAL B 308 -6.39 -18.06 8.59
N GLU B 309 -7.43 -18.42 9.34
CA GLU B 309 -7.76 -17.89 10.65
C GLU B 309 -6.73 -18.22 11.70
N ARG B 310 -6.00 -19.35 11.55
CA ARG B 310 -4.86 -19.64 12.42
C ARG B 310 -3.79 -18.56 12.27
N TYR B 311 -3.56 -18.01 11.09
CA TYR B 311 -2.69 -16.84 10.97
C TYR B 311 -3.36 -15.56 11.46
N VAL B 312 -4.52 -15.26 10.88
CA VAL B 312 -5.08 -13.90 10.93
C VAL B 312 -5.67 -13.53 12.28
N PHE B 313 -6.39 -14.40 12.98
CA PHE B 313 -6.97 -13.95 14.28
C PHE B 313 -5.91 -13.53 15.27
N PRO B 314 -4.94 -14.38 15.57
CA PRO B 314 -3.86 -14.06 16.48
C PRO B 314 -2.97 -12.95 15.92
N ASP B 315 -2.59 -12.97 14.63
CA ASP B 315 -1.67 -11.95 14.14
C ASP B 315 -2.33 -10.61 13.99
N ALA B 316 -3.53 -10.56 13.41
CA ALA B 316 -4.16 -9.22 13.29
C ALA B 316 -4.38 -8.58 14.65
N THR B 317 -4.87 -9.37 15.63
CA THR B 317 -5.24 -8.69 16.92
C THR B 317 -3.98 -8.37 17.74
N GLN B 318 -2.93 -9.18 17.62
CA GLN B 318 -1.70 -8.85 18.36
C GLN B 318 -0.91 -7.72 17.70
N THR B 319 -0.83 -7.72 16.35
CA THR B 319 -0.20 -6.57 15.70
C THR B 319 -0.89 -5.23 15.97
N LEU B 320 -2.21 -5.15 15.78
CA LEU B 320 -2.93 -3.92 16.09
C LEU B 320 -2.73 -3.53 17.55
N TYR B 321 -2.86 -4.47 18.50
CA TYR B 321 -2.61 -4.10 19.90
C TYR B 321 -1.23 -3.47 20.06
N TYR B 322 -0.17 -4.13 19.54
CA TYR B 322 1.16 -3.53 19.56
C TYR B 322 1.16 -2.18 18.87
N MET B 323 0.51 -2.00 17.73
CA MET B 323 0.46 -0.68 17.10
C MET B 323 -0.13 0.40 18.01
N ILE B 324 -1.24 0.06 18.71
CA ILE B 324 -1.96 1.09 19.49
C ILE B 324 -1.12 1.48 20.71
N VAL B 325 -0.58 0.51 21.44
CA VAL B 325 0.25 0.78 22.61
C VAL B 325 1.49 1.56 22.22
N THR B 326 2.16 1.19 21.12
CA THR B 326 3.39 1.85 20.72
C THR B 326 3.13 3.29 20.28
N ALA B 327 2.05 3.50 19.52
CA ALA B 327 1.75 4.83 19.00
C ALA B 327 1.26 5.71 20.14
N THR B 328 0.58 5.14 21.14
CA THR B 328 0.27 5.87 22.36
C THR B 328 1.52 6.42 23.04
N ASN B 329 2.53 5.56 23.15
CA ASN B 329 3.78 5.95 23.78
C ASN B 329 4.50 6.99 22.93
N VAL B 330 4.53 6.78 21.61
CA VAL B 330 5.15 7.77 20.72
C VAL B 330 4.49 9.12 20.91
N VAL B 331 3.17 9.24 20.88
CA VAL B 331 2.50 10.55 20.99
C VAL B 331 2.57 11.11 22.39
N ARG B 332 2.47 10.24 23.40
CA ARG B 332 2.64 10.65 24.77
C ARG B 332 4.02 11.32 24.96
N ASN B 333 5.11 10.76 24.46
CA ASN B 333 6.42 11.18 24.92
C ASN B 333 7.25 11.87 23.83
N MET B 334 6.69 12.03 22.63
CA MET B 334 7.46 12.62 21.53
C MET B 334 7.88 14.04 21.95
N LYS B 335 9.03 14.49 21.51
CA LYS B 335 9.40 15.88 21.73
C LYS B 335 8.78 16.71 20.63
N VAL B 336 8.23 17.84 20.98
CA VAL B 336 7.63 18.78 20.07
C VAL B 336 8.41 20.09 20.17
N ASN B 337 8.99 20.50 19.07
CA ASN B 337 9.83 21.67 18.99
C ASN B 337 9.03 22.88 18.53
N GLU B 338 8.33 23.55 19.44
CA GLU B 338 7.45 24.67 19.12
C GLU B 338 8.13 25.84 18.45
N GLU B 339 9.35 26.19 18.88
CA GLU B 339 10.04 27.32 18.27
C GLU B 339 10.46 27.00 16.84
N ARG B 340 10.92 25.76 16.61
CA ARG B 340 11.19 25.33 15.25
C ARG B 340 9.96 25.30 14.33
N MET B 341 8.80 24.91 14.91
CA MET B 341 7.57 24.98 14.16
C MET B 341 7.31 26.41 13.70
N LYS B 342 7.52 27.34 14.60
CA LYS B 342 7.16 28.73 14.39
C LYS B 342 8.15 29.30 13.39
N LYS B 343 9.43 29.06 13.62
CA LYS B 343 10.47 29.40 12.66
C LYS B 343 10.22 28.83 11.27
N ASN B 344 9.83 27.55 11.16
CA ASN B 344 9.50 27.02 9.82
C ASN B 344 8.43 27.78 9.06
N ILE B 345 7.46 28.44 9.70
CA ILE B 345 6.59 29.36 8.99
C ILE B 345 7.31 30.43 8.18
N ASP B 346 8.46 30.93 8.60
CA ASP B 346 9.15 32.01 7.90
C ASP B 346 10.20 31.53 6.91
N LEU B 347 10.22 30.23 6.58
CA LEU B 347 11.21 29.64 5.73
C LEU B 347 11.22 30.29 4.34
N THR B 348 10.08 30.48 3.72
CA THR B 348 9.88 31.18 2.47
C THR B 348 9.80 32.71 2.64
N LYS B 349 10.11 33.24 3.80
CA LYS B 349 10.30 34.66 4.06
C LYS B 349 9.07 35.50 3.76
N GLY B 350 7.90 35.09 4.23
CA GLY B 350 6.67 35.83 4.04
C GLY B 350 5.77 35.36 2.93
N LEU B 351 6.24 34.47 2.05
CA LEU B 351 5.51 34.11 0.85
C LEU B 351 4.27 33.24 1.09
N VAL B 352 4.23 32.57 2.23
CA VAL B 352 3.02 32.07 2.90
C VAL B 352 1.86 33.05 2.94
N PHE B 353 2.08 34.36 3.03
CA PHE B 353 0.99 35.34 3.16
C PHE B 353 0.67 35.95 1.79
N SER B 354 1.17 35.33 0.72
CA SER B 354 1.07 35.90 -0.61
C SER B 354 -0.35 35.93 -1.15
N GLN B 355 -1.27 35.06 -0.79
CA GLN B 355 -2.65 35.16 -1.23
C GLN B 355 -3.31 36.40 -0.61
N ARG B 356 -3.03 36.66 0.66
CA ARG B 356 -3.63 37.79 1.37
C ARG B 356 -3.26 39.10 0.65
N VAL B 357 -1.96 39.26 0.42
CA VAL B 357 -1.47 40.32 -0.46
C VAL B 357 -2.10 40.37 -1.85
N LEU B 358 -2.20 39.28 -2.59
CA LEU B 358 -2.97 39.29 -3.85
C LEU B 358 -4.39 39.82 -3.66
N LEU B 359 -5.19 39.27 -2.76
CA LEU B 359 -6.59 39.67 -2.69
C LEU B 359 -6.76 41.16 -2.39
N LYS B 360 -5.91 41.69 -1.53
CA LYS B 360 -5.89 43.08 -1.09
C LYS B 360 -5.66 44.09 -2.22
N LEU B 361 -4.95 43.66 -3.26
CA LEU B 361 -4.82 44.40 -4.49
C LEU B 361 -6.03 44.35 -5.40
N ILE B 362 -6.79 43.27 -5.42
CA ILE B 362 -8.11 43.27 -6.07
C ILE B 362 -9.08 44.15 -5.30
N GLU B 363 -9.03 44.11 -3.97
CA GLU B 363 -9.95 44.89 -3.13
C GLU B 363 -9.83 46.37 -3.48
N LYS B 364 -8.57 46.82 -3.53
CA LYS B 364 -8.17 48.15 -3.92
C LYS B 364 -8.21 48.46 -5.42
N GLY B 365 -9.01 47.76 -6.23
CA GLY B 365 -9.31 48.19 -7.58
C GLY B 365 -8.88 47.15 -8.61
N LEU B 366 -7.67 46.61 -8.42
CA LEU B 366 -7.05 45.84 -9.48
C LEU B 366 -7.83 44.58 -9.84
N THR B 367 -7.50 44.08 -11.04
CA THR B 367 -8.16 42.86 -11.51
C THR B 367 -7.29 41.66 -11.13
N ARG B 368 -7.88 40.48 -11.12
CA ARG B 368 -7.21 39.26 -10.70
C ARG B 368 -5.83 39.15 -11.34
N LYS B 369 -5.73 39.31 -12.65
CA LYS B 369 -4.46 39.22 -13.35
C LYS B 369 -3.52 40.35 -12.96
N GLU B 370 -4.02 41.58 -12.87
CA GLU B 370 -3.19 42.72 -12.47
C GLU B 370 -2.52 42.45 -11.12
N ALA B 371 -3.30 42.22 -10.07
CA ALA B 371 -2.75 41.89 -8.76
C ALA B 371 -1.73 40.76 -8.88
N TYR B 372 -2.10 39.67 -9.54
CA TYR B 372 -1.31 38.47 -9.61
C TYR B 372 0.11 38.76 -10.07
N ASP B 373 0.27 39.52 -11.16
CA ASP B 373 1.60 39.90 -11.63
C ASP B 373 2.39 40.70 -10.62
N ILE B 374 1.79 41.59 -9.82
CA ILE B 374 2.60 42.30 -8.82
C ILE B 374 3.12 41.33 -7.76
N VAL B 375 2.27 40.47 -7.20
CA VAL B 375 2.72 39.47 -6.23
C VAL B 375 3.79 38.54 -6.80
N GLN B 376 3.63 38.11 -8.04
CA GLN B 376 4.53 37.13 -8.66
C GLN B 376 5.92 37.73 -8.73
N ARG B 377 6.03 39.00 -9.17
CA ARG B 377 7.34 39.60 -9.30
C ARG B 377 8.03 39.75 -7.95
N ASN B 378 7.27 40.21 -6.95
CA ASN B 378 7.83 40.27 -5.59
C ASN B 378 8.20 38.89 -5.08
N ALA B 379 7.38 37.88 -5.31
CA ALA B 379 7.64 36.51 -4.86
C ALA B 379 9.00 36.02 -5.36
N LEU B 380 9.11 36.18 -6.68
CA LEU B 380 10.28 35.84 -7.46
C LEU B 380 11.54 36.47 -6.90
N LYS B 381 11.51 37.79 -6.65
CA LYS B 381 12.66 38.46 -6.05
C LYS B 381 12.94 37.93 -4.66
N THR B 382 11.89 37.69 -3.87
CA THR B 382 12.06 37.14 -2.52
C THR B 382 12.72 35.77 -2.61
N TRP B 383 12.18 34.95 -3.53
CA TRP B 383 12.61 33.56 -3.64
C TRP B 383 14.08 33.42 -4.01
N ASN B 384 14.49 34.29 -4.93
CA ASN B 384 15.88 34.29 -5.39
C ASN B 384 16.82 35.11 -4.54
N SER B 385 16.44 35.65 -3.39
CA SER B 385 17.36 36.43 -2.58
C SER B 385 17.20 36.14 -1.09
N GLU B 386 17.74 37.09 -0.32
CA GLU B 386 17.67 37.02 1.11
C GLU B 386 16.74 38.06 1.74
N LYS B 387 16.14 38.97 0.98
CA LYS B 387 15.25 39.92 1.62
C LYS B 387 13.87 39.28 1.64
N HIS B 388 13.05 39.71 2.57
CA HIS B 388 11.68 39.26 2.73
C HIS B 388 10.68 39.80 1.74
N PHE B 389 9.63 39.03 1.52
CA PHE B 389 8.47 39.48 0.75
C PHE B 389 8.02 40.87 1.19
N LEU B 390 7.77 41.12 2.47
CA LEU B 390 7.24 42.40 2.94
C LEU B 390 8.11 43.59 2.52
N GLU B 391 9.40 43.45 2.74
CA GLU B 391 10.37 44.45 2.33
C GLU B 391 10.33 44.76 0.85
N TYR B 392 10.25 43.78 -0.05
CA TYR B 392 9.89 44.07 -1.43
C TYR B 392 8.53 44.71 -1.63
N LEU B 393 7.47 44.31 -0.92
CA LEU B 393 6.17 44.88 -1.26
C LEU B 393 6.18 46.38 -0.97
N LEU B 394 6.77 46.74 0.15
CA LEU B 394 6.79 48.11 0.65
C LEU B 394 7.43 49.08 -0.35
N GLU B 395 8.53 48.64 -0.96
CA GLU B 395 9.19 49.35 -2.04
C GLU B 395 8.54 49.25 -3.41
N ASP B 396 7.52 48.42 -3.60
CA ASP B 396 6.86 48.39 -4.91
C ASP B 396 5.96 49.61 -5.03
N GLU B 397 6.24 50.44 -6.05
CA GLU B 397 5.49 51.64 -6.32
C GLU B 397 4.02 51.39 -6.59
N GLU B 398 3.71 50.40 -7.43
CA GLU B 398 2.31 50.08 -7.73
C GLU B 398 1.54 49.67 -6.48
N VAL B 399 2.24 49.05 -5.55
CA VAL B 399 1.75 48.66 -4.25
C VAL B 399 1.63 49.84 -3.31
N LYS B 400 2.60 50.74 -3.43
CA LYS B 400 2.67 51.97 -2.64
C LYS B 400 1.54 52.96 -2.88
N LYS B 401 0.90 52.93 -4.05
CA LYS B 401 -0.21 53.80 -4.36
C LYS B 401 -1.58 53.15 -4.17
N LEU B 402 -1.60 51.93 -3.65
CA LEU B 402 -2.87 51.18 -3.53
C LEU B 402 -3.11 50.74 -2.10
N VAL B 403 -2.01 50.53 -1.39
CA VAL B 403 -2.04 49.96 -0.05
C VAL B 403 -1.15 50.77 0.89
N THR B 404 -1.64 51.06 2.09
CA THR B 404 -0.82 51.66 3.14
C THR B 404 0.21 50.65 3.63
N LYS B 405 1.24 51.09 4.33
CA LYS B 405 2.20 50.22 4.97
C LYS B 405 1.68 49.49 6.20
N GLU B 406 0.82 50.11 7.00
CA GLU B 406 0.21 49.41 8.13
C GLU B 406 -0.79 48.38 7.61
N GLU B 407 -1.51 48.68 6.53
CA GLU B 407 -2.30 47.69 5.82
C GLU B 407 -1.42 46.48 5.44
N LEU B 408 -0.32 46.73 4.76
CA LEU B 408 0.57 45.69 4.29
C LEU B 408 1.07 44.79 5.40
N GLU B 409 1.61 45.36 6.48
CA GLU B 409 2.15 44.58 7.57
C GLU B 409 1.13 43.72 8.29
N GLU B 410 -0.15 44.06 8.27
CA GLU B 410 -1.14 43.35 9.07
C GLU B 410 -1.56 42.08 8.33
N LEU B 411 -1.24 42.00 7.04
CA LEU B 411 -1.46 40.83 6.22
C LEU B 411 -0.51 39.70 6.55
N PHE B 412 0.51 39.97 7.36
CA PHE B 412 1.48 39.01 7.82
C PHE B 412 1.15 38.56 9.24
N ASP B 413 0.00 38.89 9.78
CA ASP B 413 -0.39 38.44 11.12
C ASP B 413 -0.78 36.96 11.04
N ILE B 414 -0.16 36.12 11.83
CA ILE B 414 -0.51 34.72 11.96
C ILE B 414 -1.84 34.44 12.59
N SER B 415 -2.29 35.37 13.45
CA SER B 415 -3.57 35.27 14.11
C SER B 415 -4.66 35.21 13.04
N TYR B 416 -4.58 35.71 11.84
CA TYR B 416 -5.63 35.52 10.84
C TYR B 416 -5.99 34.06 10.60
N TYR B 417 -4.98 33.16 10.66
CA TYR B 417 -5.06 31.79 10.18
C TYR B 417 -5.58 31.05 11.33
N LEU B 418 -5.11 31.57 12.43
CA LEU B 418 -5.72 31.25 13.62
C LEU B 418 -6.95 31.71 14.45
N LYS B 419 -7.88 32.44 13.91
CA LYS B 419 -9.15 32.88 14.60
C LYS B 419 -10.20 31.81 14.89
N HIS B 420 -10.17 30.57 14.33
CA HIS B 420 -11.25 29.64 14.52
C HIS B 420 -10.83 28.34 15.19
N VAL B 421 -9.68 28.32 15.84
CA VAL B 421 -9.15 27.08 16.44
C VAL B 421 -10.07 26.67 17.59
N ASP B 422 -10.45 27.57 18.48
CA ASP B 422 -11.38 27.22 19.57
C ASP B 422 -12.78 26.75 19.16
N HIS B 423 -13.28 27.41 18.12
CA HIS B 423 -14.50 26.93 17.51
C HIS B 423 -14.35 25.44 17.22
N ILE B 424 -13.29 25.03 16.46
CA ILE B 424 -13.12 23.63 16.19
C ILE B 424 -12.94 22.73 17.39
N PHE B 425 -12.12 23.12 18.37
CA PHE B 425 -11.91 22.27 19.54
C PHE B 425 -13.21 22.07 20.29
N GLU B 426 -14.07 23.08 20.23
CA GLU B 426 -15.31 23.10 21.01
C GLU B 426 -16.25 22.04 20.46
N ARG B 427 -16.08 21.66 19.17
CA ARG B 427 -16.89 20.55 18.66
C ARG B 427 -16.62 19.22 19.36
N PHE B 428 -15.49 19.05 20.03
CA PHE B 428 -15.13 17.81 20.67
C PHE B 428 -15.39 17.85 22.17
N GLU B 429 -15.74 19.00 22.71
CA GLU B 429 -15.99 19.12 24.16
C GLU B 429 -17.38 18.61 24.57
N LYS B 430 -17.50 18.15 25.80
CA LYS B 430 -18.78 18.01 26.51
C LYS B 430 -19.52 16.77 26.03
#